data_5G5T
#
_entry.id   5G5T
#
_cell.length_a   117.950
_cell.length_b   117.950
_cell.length_c   134.590
_cell.angle_alpha   90.00
_cell.angle_beta   90.00
_cell.angle_gamma   90.00
#
_symmetry.space_group_name_H-M   'P 43 21 2'
#
loop_
_entity.id
_entity.type
_entity.pdbx_description
1 polymer ARGONAUTE
2 polymer 'GUIDE DNA'
3 non-polymer 'MAGNESIUM ION'
4 non-polymer 'SULFATE ION'
#
loop_
_entity_poly.entity_id
_entity_poly.type
_entity_poly.pdbx_seq_one_letter_code
_entity_poly.pdbx_strand_id
1 'polypeptide(L)'
;MVLNKVTYKINAYKIKEEFIPKEVHFYRIKSFVNEAFNFYRFVNFYGGMIINKKDKSFVLPYKVDNKVLKYKDGNNEIPI
DIEYIKSLKLEYVKPEIAEKLVRGYLKSVHKIEPELSRIIKNIRKHKVVENIKVESYCEYEVKKHDGDYYLILNFRHTAS
ITKHLWDFVNRDKALLEEYVGKKIIFKPNPKVRYTISLVDAPNPQKIEEIMSHIIKYYKWSEDMVKSTFGEIDYNQPIMY
CEEILEPFAPQFCNLVFYMDELDSYILKELQSYWRLSNENKGKIINEIAKKLRFIDNTPKELEFMKFNNTPLLVKDVNKN
PTKIYSTNTLFTWIYNQNAKIYLPYDVPEIIRNKNLLTYILIDEEIKDELKAIKDKVNKMFRNYNKIANKTELPKFNYAN
RWKYFSTDDIRGIIKEIKSEFNDEICFALIIGKEKYKDNDYYEILKKQLFDLKIISQNILWENWRKDDKGYMTNNLLIQI
MGKLGIKYFILDSKTPYDYIMGLDTGLGIFGNHRVGGCTVVYDSEGKIRRIQPIETPAPGERLHLPYVIEYLENKANIDM
ENKNILFLRDGFIQNSERNDLKEISKELNSNIEVISIRKNNKYKVFTSDYRIGSVFGNDGIFLPHKTPFGSNPVKLSTWL
RFNCGNEEGLKINESIMQLLYDLTKMNYSALYGEGRYLRIPAPIHYADKFVKALGKNWKIDEELLKHGFLYFI
;
A
2 'polydeoxyribonucleotide'
;(DT)(DG)(DA)(DG)(DG)(DT)(DA)(DG)(DT)(DA)(DG)(DG)(DT)(DT)(DG)(DT)(DA)(DT)(DA)(DG)
(DT)
;
D
#
loop_
_chem_comp.id
_chem_comp.type
_chem_comp.name
_chem_comp.formula
DA DNA linking 2'-DEOXYADENOSINE-5'-MONOPHOSPHATE 'C10 H14 N5 O6 P'
DG DNA linking 2'-DEOXYGUANOSINE-5'-MONOPHOSPHATE 'C10 H14 N5 O7 P'
DT DNA linking THYMIDINE-5'-MONOPHOSPHATE 'C10 H15 N2 O8 P'
MG non-polymer 'MAGNESIUM ION' 'Mg 2'
SO4 non-polymer 'SULFATE ION' 'O4 S -2'
#
# COMPACT_ATOMS: atom_id res chain seq x y z
N MET A 1 -24.28 20.29 12.41
CA MET A 1 -22.99 21.00 12.49
C MET A 1 -22.08 20.39 13.57
N VAL A 2 -22.67 20.11 14.76
CA VAL A 2 -22.04 19.55 15.96
C VAL A 2 -21.63 18.07 15.75
N LEU A 3 -22.50 17.30 15.11
CA LEU A 3 -22.30 15.87 14.80
C LEU A 3 -21.42 15.68 13.56
N ASN A 4 -21.31 16.74 12.74
CA ASN A 4 -20.58 16.76 11.48
C ASN A 4 -19.09 17.10 11.56
N LYS A 5 -18.68 17.91 12.56
CA LYS A 5 -17.28 18.33 12.71
C LYS A 5 -16.63 18.04 14.06
N VAL A 6 -15.36 17.61 14.02
CA VAL A 6 -14.51 17.27 15.17
C VAL A 6 -13.09 17.78 14.94
N THR A 7 -12.49 18.40 15.99
CA THR A 7 -11.13 18.92 15.92
C THR A 7 -10.21 17.91 16.58
N TYR A 8 -9.15 17.51 15.86
CA TYR A 8 -8.16 16.56 16.33
C TYR A 8 -6.75 17.02 15.99
N LYS A 9 -5.76 16.55 16.78
CA LYS A 9 -4.34 16.81 16.59
C LYS A 9 -3.77 15.86 15.52
N ILE A 10 -2.93 16.42 14.65
CA ILE A 10 -2.22 15.75 13.56
C ILE A 10 -0.71 15.83 13.90
N ASN A 11 0.14 14.98 13.28
CA ASN A 11 1.58 14.99 13.55
C ASN A 11 2.38 16.11 12.86
N ALA A 12 1.82 17.35 12.80
CA ALA A 12 2.48 18.52 12.21
C ALA A 12 2.95 19.47 13.30
N TYR A 13 4.21 19.95 13.19
CA TYR A 13 4.82 20.87 14.15
C TYR A 13 5.49 22.03 13.41
N LYS A 14 5.09 23.28 13.74
CA LYS A 14 5.62 24.49 13.11
C LYS A 14 7.13 24.63 13.28
N ILE A 15 7.83 24.75 12.14
CA ILE A 15 9.29 24.94 12.09
C ILE A 15 9.55 26.39 12.47
N LYS A 16 10.53 26.61 13.36
CA LYS A 16 10.94 27.93 13.84
C LYS A 16 11.58 28.76 12.72
N GLU A 17 11.19 30.05 12.59
CA GLU A 17 11.64 31.03 11.56
C GLU A 17 13.16 31.09 11.34
N GLU A 18 13.96 30.78 12.39
CA GLU A 18 15.43 30.72 12.34
C GLU A 18 15.90 29.68 11.30
N PHE A 19 15.15 28.57 11.14
CA PHE A 19 15.48 27.45 10.26
C PHE A 19 14.76 27.44 8.89
N ILE A 20 14.07 28.54 8.54
CA ILE A 20 13.38 28.67 7.25
C ILE A 20 14.18 29.56 6.29
N PRO A 21 14.62 29.02 5.12
CA PRO A 21 15.37 29.85 4.16
C PRO A 21 14.53 30.93 3.49
N LYS A 22 15.06 32.15 3.39
CA LYS A 22 14.36 33.29 2.79
C LYS A 22 14.58 33.36 1.27
N GLU A 23 15.65 32.72 0.75
CA GLU A 23 16.00 32.75 -0.68
C GLU A 23 16.39 31.38 -1.25
N VAL A 24 15.93 31.11 -2.50
CA VAL A 24 16.26 29.90 -3.27
C VAL A 24 17.14 30.29 -4.46
N HIS A 25 18.10 29.41 -4.82
CA HIS A 25 19.04 29.67 -5.90
C HIS A 25 18.97 28.62 -7.00
N PHE A 26 18.66 29.07 -8.23
CA PHE A 26 18.53 28.24 -9.43
C PHE A 26 19.88 27.97 -10.12
N TYR A 27 20.11 26.69 -10.49
CA TYR A 27 21.32 26.22 -11.17
C TYR A 27 21.03 25.17 -12.27
N ARG A 28 22.02 24.91 -13.14
CA ARG A 28 21.95 23.93 -14.23
C ARG A 28 23.34 23.33 -14.49
N ILE A 29 23.40 22.02 -14.81
CA ILE A 29 24.65 21.29 -15.08
C ILE A 29 25.32 21.81 -16.37
N LYS A 30 26.40 22.61 -16.20
CA LYS A 30 27.17 23.19 -17.31
C LYS A 30 28.08 22.14 -17.96
N SER A 31 28.71 21.27 -17.13
CA SER A 31 29.61 20.21 -17.58
C SER A 31 28.85 18.92 -17.85
N ARG A 41 21.39 11.91 -12.66
CA ARG A 41 21.03 11.21 -11.43
C ARG A 41 20.44 12.17 -10.37
N PHE A 42 19.62 11.61 -9.45
CA PHE A 42 18.94 12.30 -8.37
C PHE A 42 19.93 12.83 -7.31
N VAL A 43 20.41 14.08 -7.50
CA VAL A 43 21.33 14.73 -6.55
C VAL A 43 20.51 15.41 -5.43
N ASN A 44 19.87 14.55 -4.62
CA ASN A 44 18.99 14.79 -3.47
C ASN A 44 19.84 15.03 -2.21
N PHE A 45 21.15 14.70 -2.29
CA PHE A 45 22.13 14.82 -1.21
C PHE A 45 22.33 16.28 -0.76
N TYR A 46 22.17 17.23 -1.68
CA TYR A 46 22.33 18.64 -1.38
C TYR A 46 21.00 19.37 -1.09
N GLY A 47 19.90 18.62 -1.11
CA GLY A 47 18.56 19.14 -0.83
C GLY A 47 17.95 19.97 -1.93
N GLY A 48 18.10 19.50 -3.16
CA GLY A 48 17.58 20.19 -4.34
C GLY A 48 16.22 19.74 -4.83
N MET A 49 15.82 20.29 -5.99
CA MET A 49 14.57 20.02 -6.71
C MET A 49 14.86 20.12 -8.20
N ILE A 50 14.88 18.97 -8.87
CA ILE A 50 15.25 18.79 -10.27
C ILE A 50 14.12 19.04 -11.30
N ILE A 51 14.43 19.89 -12.31
CA ILE A 51 13.58 20.26 -13.46
C ILE A 51 14.46 20.02 -14.73
N ASN A 52 14.31 18.83 -15.29
CA ASN A 52 15.09 18.36 -16.43
C ASN A 52 14.88 19.04 -17.77
N LYS A 53 15.96 18.99 -18.55
CA LYS A 53 16.09 19.55 -19.89
C LYS A 53 17.27 18.85 -20.57
N LYS A 54 17.85 19.50 -21.59
CA LYS A 54 19.04 18.93 -22.24
C LYS A 54 20.17 18.82 -21.20
N ASP A 55 20.33 19.89 -20.41
CA ASP A 55 21.27 19.93 -19.31
C ASP A 55 20.33 20.04 -18.13
N LYS A 56 20.46 19.13 -17.16
CA LYS A 56 19.54 19.15 -16.04
C LYS A 56 19.59 20.45 -15.26
N SER A 57 18.42 20.93 -14.86
CA SER A 57 18.33 22.17 -14.09
C SER A 57 17.70 21.91 -12.71
N PHE A 58 18.22 22.56 -11.65
CA PHE A 58 17.75 22.37 -10.28
C PHE A 58 17.72 23.65 -9.44
N VAL A 59 17.06 23.59 -8.27
CA VAL A 59 16.97 24.68 -7.31
C VAL A 59 17.56 24.20 -5.99
N LEU A 60 18.23 25.08 -5.27
CA LEU A 60 18.81 24.77 -3.96
C LEU A 60 18.29 25.73 -2.88
N PRO A 61 18.22 25.30 -1.59
CA PRO A 61 17.76 26.24 -0.55
C PRO A 61 18.91 27.09 0.04
N TYR A 62 19.99 27.26 -0.76
CA TYR A 62 21.22 28.01 -0.45
C TYR A 62 22.06 28.25 -1.74
N LYS A 63 23.09 29.12 -1.65
CA LYS A 63 23.97 29.46 -2.77
C LYS A 63 25.28 28.69 -2.73
N VAL A 64 25.71 28.17 -3.90
CA VAL A 64 26.97 27.45 -4.07
C VAL A 64 27.97 28.43 -4.68
N ASP A 65 28.68 29.17 -3.80
CA ASP A 65 29.66 30.23 -4.11
C ASP A 65 30.65 29.86 -5.21
N ASN A 66 31.23 28.66 -5.12
CA ASN A 66 32.07 28.06 -6.16
C ASN A 66 31.08 27.12 -6.85
N LYS A 67 30.77 27.37 -8.12
CA LYS A 67 29.77 26.57 -8.85
C LYS A 67 30.32 25.16 -9.16
N VAL A 68 30.59 24.39 -8.09
CA VAL A 68 31.14 23.02 -8.07
C VAL A 68 31.15 22.45 -6.63
N LEU A 69 30.83 21.16 -6.48
CA LEU A 69 30.86 20.38 -5.22
C LEU A 69 30.71 18.88 -5.49
N LYS A 70 31.44 18.07 -4.68
CA LYS A 70 31.46 16.61 -4.71
C LYS A 70 31.89 16.08 -3.34
N PRO A 79 33.51 15.59 -9.09
CA PRO A 79 33.50 17.05 -9.26
C PRO A 79 32.57 17.49 -10.40
N ILE A 80 31.39 18.05 -10.04
CA ILE A 80 30.39 18.49 -11.00
C ILE A 80 30.27 20.02 -11.10
N ASP A 81 30.62 20.57 -12.28
CA ASP A 81 30.59 22.00 -12.59
C ASP A 81 29.17 22.42 -13.01
N ILE A 82 28.58 23.34 -12.23
CA ILE A 82 27.22 23.86 -12.44
C ILE A 82 27.25 25.32 -12.90
N GLU A 83 26.10 25.86 -13.32
CA GLU A 83 25.99 27.25 -13.77
C GLU A 83 24.76 27.93 -13.15
N TYR A 84 24.96 29.14 -12.58
CA TYR A 84 23.92 29.94 -11.92
C TYR A 84 22.87 30.45 -12.92
N ILE A 85 21.59 30.40 -12.51
CA ILE A 85 20.47 30.85 -13.34
C ILE A 85 19.85 32.12 -12.73
N LYS A 86 19.09 31.98 -11.62
CA LYS A 86 18.42 33.11 -10.96
C LYS A 86 18.24 32.86 -9.45
N SER A 87 17.93 33.94 -8.69
CA SER A 87 17.67 33.88 -7.25
C SER A 87 16.24 34.36 -6.98
N LEU A 88 15.46 33.59 -6.20
CA LEU A 88 14.07 33.90 -5.88
C LEU A 88 13.75 33.69 -4.41
N LYS A 89 12.83 34.51 -3.86
CA LYS A 89 12.38 34.43 -2.47
C LYS A 89 11.53 33.18 -2.29
N LEU A 90 11.65 32.47 -1.14
CA LEU A 90 10.90 31.23 -0.84
C LEU A 90 9.39 31.40 -1.01
N GLU A 91 8.84 32.55 -0.56
CA GLU A 91 7.41 32.88 -0.66
C GLU A 91 6.89 32.92 -2.10
N TYR A 92 7.75 33.30 -3.07
CA TYR A 92 7.39 33.36 -4.49
C TYR A 92 7.33 31.99 -5.17
N VAL A 93 8.13 30.99 -4.73
CA VAL A 93 8.14 29.65 -5.34
C VAL A 93 6.90 28.82 -4.92
N LYS A 94 6.39 27.94 -5.83
CA LYS A 94 5.20 27.08 -5.61
C LYS A 94 5.30 26.29 -4.31
N PRO A 95 4.21 26.22 -3.50
CA PRO A 95 4.30 25.53 -2.20
C PRO A 95 4.87 24.11 -2.24
N GLU A 96 4.45 23.28 -3.22
CA GLU A 96 4.94 21.91 -3.39
C GLU A 96 6.48 21.85 -3.40
N ILE A 97 7.12 22.69 -4.24
CA ILE A 97 8.58 22.80 -4.34
C ILE A 97 9.15 23.40 -3.06
N ALA A 98 8.58 24.54 -2.58
CA ALA A 98 8.97 25.27 -1.37
C ALA A 98 9.12 24.33 -0.15
N GLU A 99 8.15 23.41 0.04
CA GLU A 99 8.11 22.39 1.09
C GLU A 99 9.31 21.43 0.96
N LYS A 100 9.57 20.97 -0.28
CA LYS A 100 10.68 20.06 -0.59
C LYS A 100 12.04 20.73 -0.37
N LEU A 101 12.09 22.06 -0.54
CA LEU A 101 13.31 22.84 -0.35
C LEU A 101 13.57 23.12 1.13
N VAL A 102 12.51 23.24 1.98
CA VAL A 102 12.64 23.44 3.43
C VAL A 102 13.18 22.13 4.07
N ARG A 103 12.68 20.98 3.58
CA ARG A 103 13.10 19.64 4.02
C ARG A 103 14.58 19.45 3.68
N GLY A 104 14.97 19.87 2.47
CA GLY A 104 16.34 19.76 1.99
C GLY A 104 17.32 20.61 2.77
N TYR A 105 16.88 21.82 3.14
CA TYR A 105 17.66 22.78 3.93
C TYR A 105 17.92 22.18 5.33
N LEU A 106 16.88 21.54 5.90
CA LEU A 106 16.87 20.89 7.21
C LEU A 106 17.74 19.64 7.17
N LYS A 107 17.67 18.87 6.05
CA LYS A 107 18.43 17.64 5.83
C LYS A 107 19.90 17.92 5.53
N SER A 108 20.18 18.80 4.53
CA SER A 108 21.53 19.10 4.07
C SER A 108 22.31 20.15 4.83
N VAL A 109 21.65 21.22 5.32
CA VAL A 109 22.37 22.26 6.06
C VAL A 109 22.34 22.05 7.58
N HIS A 110 21.16 21.74 8.13
CA HIS A 110 21.00 21.55 9.57
C HIS A 110 21.21 20.12 10.09
N LYS A 111 21.26 19.12 9.16
CA LYS A 111 21.49 17.70 9.43
C LYS A 111 20.47 17.09 10.44
N ILE A 112 19.16 17.30 10.16
CA ILE A 112 18.04 16.80 10.97
C ILE A 112 18.07 15.28 11.11
N GLU A 113 18.38 14.58 10.00
CA GLU A 113 18.46 13.12 9.87
C GLU A 113 19.34 12.43 10.95
N PRO A 114 20.68 12.68 11.08
CA PRO A 114 21.44 12.00 12.14
C PRO A 114 21.11 12.47 13.56
N GLU A 115 20.42 13.62 13.71
CA GLU A 115 19.98 14.16 15.00
C GLU A 115 18.70 13.45 15.44
N LEU A 116 17.73 13.27 14.52
CA LEU A 116 16.48 12.55 14.79
C LEU A 116 16.77 11.10 15.20
N SER A 117 17.89 10.53 14.70
CA SER A 117 18.36 9.18 15.02
C SER A 117 18.72 9.06 16.50
N ARG A 118 19.52 10.01 17.05
CA ARG A 118 19.91 9.98 18.46
C ARG A 118 18.77 10.34 19.41
N ILE A 119 17.80 11.15 18.94
CA ILE A 119 16.64 11.53 19.74
C ILE A 119 15.75 10.31 19.98
N ILE A 120 15.39 9.57 18.90
CA ILE A 120 14.55 8.36 18.97
C ILE A 120 15.15 7.22 19.82
N LYS A 121 16.46 6.91 19.69
CA LYS A 121 17.13 5.87 20.47
C LYS A 121 16.95 6.08 21.98
N ASN A 122 17.04 7.37 22.42
CA ASN A 122 16.85 7.82 23.80
C ASN A 122 15.40 7.65 24.25
N ILE A 123 14.41 8.00 23.38
CA ILE A 123 12.97 7.88 23.66
C ILE A 123 12.54 6.41 23.54
N ARG A 124 12.56 5.87 22.29
CA ARG A 124 12.20 4.49 21.95
C ARG A 124 13.44 3.63 22.01
N LYS A 125 13.69 2.99 23.16
CA LYS A 125 14.82 2.08 23.33
C LYS A 125 14.57 0.80 22.49
N HIS A 126 15.57 -0.08 22.36
CA HIS A 126 15.42 -1.31 21.58
C HIS A 126 14.60 -2.37 22.34
N LYS A 127 14.19 -3.43 21.65
CA LYS A 127 13.44 -4.55 22.23
C LYS A 127 14.05 -5.84 21.69
N VAL A 128 14.59 -6.70 22.59
CA VAL A 128 15.23 -7.96 22.22
C VAL A 128 14.36 -9.16 22.56
N VAL A 129 14.19 -10.05 21.58
CA VAL A 129 13.47 -11.31 21.68
C VAL A 129 14.35 -12.34 20.97
N GLU A 130 14.93 -13.29 21.73
CA GLU A 130 15.82 -14.35 21.26
C GLU A 130 17.01 -13.81 20.46
N ASN A 131 17.14 -14.24 19.19
CA ASN A 131 18.22 -13.83 18.29
C ASN A 131 17.97 -12.47 17.62
N ILE A 132 16.73 -11.94 17.69
CA ILE A 132 16.36 -10.70 17.03
C ILE A 132 16.13 -9.47 17.92
N LYS A 133 16.45 -8.27 17.39
CA LYS A 133 16.32 -6.96 18.05
C LYS A 133 15.43 -6.02 17.22
N VAL A 134 14.56 -5.23 17.90
CA VAL A 134 13.66 -4.27 17.25
C VAL A 134 13.99 -2.84 17.67
N GLU A 135 14.30 -2.00 16.67
CA GLU A 135 14.62 -0.58 16.78
C GLU A 135 13.51 0.22 16.15
N SER A 136 13.61 1.54 16.24
CA SER A 136 12.68 2.48 15.65
C SER A 136 13.48 3.52 14.88
N TYR A 137 12.85 4.17 13.89
CA TYR A 137 13.48 5.21 13.10
C TYR A 137 12.47 6.31 12.75
N CYS A 138 12.95 7.53 12.47
CA CYS A 138 12.08 8.66 12.15
C CYS A 138 11.83 8.92 10.69
N GLU A 139 10.58 9.24 10.38
CA GLU A 139 10.11 9.61 9.05
C GLU A 139 9.74 11.08 9.17
N TYR A 140 10.01 11.85 8.11
CA TYR A 140 9.69 13.27 8.08
C TYR A 140 9.41 13.79 6.67
N GLU A 141 8.54 14.79 6.61
CA GLU A 141 8.07 15.51 5.43
C GLU A 141 7.97 16.96 5.89
N VAL A 142 7.81 17.92 4.96
CA VAL A 142 7.60 19.34 5.30
C VAL A 142 6.36 19.86 4.54
N LYS A 143 5.43 20.53 5.24
CA LYS A 143 4.20 21.06 4.64
C LYS A 143 3.98 22.55 4.94
N LYS A 144 3.52 23.33 3.93
CA LYS A 144 3.21 24.77 4.02
C LYS A 144 1.71 24.98 4.27
N HIS A 145 1.37 25.82 5.27
CA HIS A 145 -0.01 26.11 5.63
C HIS A 145 -0.43 27.59 5.50
N ASP A 146 -0.15 28.43 6.52
CA ASP A 146 -0.54 29.84 6.50
C ASP A 146 0.70 30.71 6.32
N GLY A 147 1.51 30.35 5.33
CA GLY A 147 2.75 31.05 5.03
C GLY A 147 3.92 30.51 5.85
N ASP A 148 3.62 29.65 6.85
CA ASP A 148 4.59 29.00 7.73
C ASP A 148 4.89 27.57 7.21
N TYR A 149 5.82 26.84 7.87
CA TYR A 149 6.16 25.47 7.45
C TYR A 149 6.10 24.50 8.63
N TYR A 150 5.44 23.36 8.43
CA TYR A 150 5.22 22.34 9.43
C TYR A 150 5.95 21.04 9.11
N LEU A 151 6.58 20.43 10.13
CA LEU A 151 7.28 19.15 9.94
C LEU A 151 6.35 18.00 10.32
N ILE A 152 6.05 17.13 9.34
CA ILE A 152 5.23 15.95 9.55
C ILE A 152 6.21 14.92 10.13
N LEU A 153 6.19 14.71 11.45
CA LEU A 153 7.11 13.79 12.12
C LEU A 153 6.39 12.51 12.53
N ASN A 154 6.93 11.37 12.11
CA ASN A 154 6.39 10.04 12.38
C ASN A 154 7.56 9.07 12.65
N PHE A 155 7.25 7.85 13.14
CA PHE A 155 8.27 6.84 13.40
C PHE A 155 7.80 5.46 13.07
N ARG A 156 8.72 4.63 12.56
CA ARG A 156 8.44 3.23 12.22
C ARG A 156 9.42 2.29 12.93
N HIS A 157 9.39 0.99 12.59
CA HIS A 157 10.26 0.01 13.24
C HIS A 157 11.00 -0.86 12.26
N THR A 158 12.15 -1.39 12.69
CA THR A 158 12.98 -2.33 11.94
C THR A 158 13.41 -3.45 12.89
N ALA A 159 13.38 -4.69 12.39
CA ALA A 159 13.80 -5.88 13.13
C ALA A 159 15.06 -6.41 12.44
N SER A 160 16.09 -6.71 13.25
CA SER A 160 17.37 -7.21 12.74
C SER A 160 17.97 -8.28 13.64
N ILE A 161 19.00 -8.99 13.13
CA ILE A 161 19.71 -9.98 13.92
C ILE A 161 20.54 -9.14 14.91
N THR A 162 20.33 -9.35 16.22
CA THR A 162 21.03 -8.64 17.30
C THR A 162 22.56 -8.68 17.09
N LYS A 163 23.13 -9.91 16.98
CA LYS A 163 24.57 -10.17 16.78
C LYS A 163 24.99 -9.67 15.42
N HIS A 164 25.94 -8.73 15.35
CA HIS A 164 26.41 -8.17 14.09
C HIS A 164 26.97 -9.21 13.12
N LEU A 165 26.96 -8.86 11.83
CA LEU A 165 27.39 -9.70 10.70
C LEU A 165 28.74 -10.40 10.83
N TRP A 166 29.80 -9.69 11.26
CA TRP A 166 31.16 -10.24 11.39
C TRP A 166 31.24 -11.34 12.43
N ASP A 167 30.54 -11.16 13.55
CA ASP A 167 30.49 -12.17 14.61
C ASP A 167 29.48 -13.26 14.27
N PHE A 168 28.46 -12.94 13.48
CA PHE A 168 27.43 -13.87 13.02
C PHE A 168 28.03 -14.93 12.09
N VAL A 169 28.99 -14.53 11.22
CA VAL A 169 29.68 -15.43 10.28
C VAL A 169 30.90 -16.12 10.93
N ASN A 170 31.03 -15.97 12.27
CA ASN A 170 32.11 -16.51 13.11
C ASN A 170 33.48 -16.01 12.62
N ARG A 171 33.55 -14.72 12.23
CA ARG A 171 34.74 -14.03 11.74
C ARG A 171 35.47 -14.82 10.63
N ASP A 172 34.67 -15.30 9.65
CA ASP A 172 35.14 -16.06 8.50
C ASP A 172 34.67 -15.36 7.23
N LYS A 173 35.64 -14.87 6.41
CA LYS A 173 35.39 -14.17 5.15
C LYS A 173 34.73 -15.05 4.08
N ALA A 174 35.14 -16.34 4.01
CA ALA A 174 34.61 -17.34 3.06
C ALA A 174 33.12 -17.62 3.34
N LEU A 175 32.71 -17.50 4.61
CA LEU A 175 31.34 -17.69 5.06
C LEU A 175 30.53 -16.42 4.75
N LEU A 176 31.13 -15.23 5.00
CA LEU A 176 30.53 -13.91 4.76
C LEU A 176 30.18 -13.74 3.29
N GLU A 177 30.98 -14.36 2.40
CA GLU A 177 30.80 -14.36 0.96
C GLU A 177 29.48 -15.03 0.55
N GLU A 178 28.91 -15.88 1.42
CA GLU A 178 27.62 -16.55 1.17
C GLU A 178 26.45 -15.60 1.44
N TYR A 179 26.72 -14.50 2.18
CA TYR A 179 25.72 -13.50 2.54
C TYR A 179 25.54 -12.40 1.49
N VAL A 180 26.34 -12.49 0.41
CA VAL A 180 26.30 -11.58 -0.75
C VAL A 180 24.90 -11.66 -1.38
N GLY A 181 24.21 -10.53 -1.45
CA GLY A 181 22.87 -10.45 -2.01
C GLY A 181 21.75 -10.47 -0.99
N LYS A 182 22.11 -10.53 0.31
CA LYS A 182 21.16 -10.50 1.42
C LYS A 182 21.07 -9.07 1.97
N LYS A 183 19.92 -8.70 2.55
CA LYS A 183 19.69 -7.36 3.08
C LYS A 183 20.28 -7.12 4.49
N ILE A 184 21.00 -6.00 4.67
CA ILE A 184 21.62 -5.56 5.93
C ILE A 184 21.30 -4.09 6.26
N ILE A 185 21.47 -3.70 7.54
CA ILE A 185 21.35 -2.30 8.01
C ILE A 185 22.67 -1.86 8.63
N PHE A 186 23.07 -0.60 8.41
CA PHE A 186 24.26 -0.06 9.05
C PHE A 186 23.76 0.40 10.43
N LYS A 187 24.24 -0.25 11.52
CA LYS A 187 23.81 0.01 12.90
C LYS A 187 23.29 1.43 13.26
N PRO A 188 24.05 2.55 13.08
CA PRO A 188 23.50 3.88 13.41
C PRO A 188 22.32 4.34 12.55
N ASN A 189 22.13 3.71 11.38
CA ASN A 189 21.05 4.04 10.44
C ASN A 189 20.09 2.85 10.17
N PRO A 190 19.13 2.57 11.11
CA PRO A 190 18.19 1.45 10.89
C PRO A 190 17.08 1.69 9.86
N LYS A 191 17.02 2.89 9.24
CA LYS A 191 16.02 3.20 8.23
C LYS A 191 16.39 2.54 6.91
N VAL A 192 17.62 2.77 6.44
CA VAL A 192 18.09 2.24 5.16
C VAL A 192 18.55 0.77 5.23
N ARG A 193 17.83 -0.10 4.49
CA ARG A 193 18.11 -1.53 4.31
C ARG A 193 18.90 -1.69 3.01
N TYR A 194 20.23 -1.86 3.13
CA TYR A 194 21.18 -2.02 2.02
C TYR A 194 21.30 -3.48 1.58
N THR A 195 21.76 -3.72 0.33
CA THR A 195 21.98 -5.05 -0.22
C THR A 195 23.47 -5.24 -0.45
N ILE A 196 24.07 -6.31 0.16
CA ILE A 196 25.49 -6.63 -0.01
C ILE A 196 25.73 -7.03 -1.46
N SER A 197 26.85 -6.60 -2.02
CA SER A 197 27.22 -6.92 -3.41
C SER A 197 28.61 -7.54 -3.49
N LEU A 198 29.58 -6.95 -2.78
CA LEU A 198 30.98 -7.36 -2.82
C LEU A 198 31.60 -7.52 -1.42
N VAL A 199 32.55 -8.46 -1.29
CA VAL A 199 33.33 -8.73 -0.08
C VAL A 199 34.81 -8.76 -0.55
N ASP A 200 35.65 -7.82 -0.06
CA ASP A 200 37.06 -7.78 -0.43
C ASP A 200 38.06 -7.63 0.74
N ALA A 201 39.36 -7.54 0.41
CA ALA A 201 40.50 -7.44 1.32
C ALA A 201 40.40 -6.38 2.44
N PRO A 202 40.99 -6.64 3.64
CA PRO A 202 40.97 -5.64 4.72
C PRO A 202 41.73 -4.33 4.46
N ASN A 203 41.17 -3.20 4.92
CA ASN A 203 41.75 -1.85 4.82
C ASN A 203 41.58 -1.16 6.19
N PRO A 204 42.62 -1.08 7.06
CA PRO A 204 42.43 -0.41 8.36
C PRO A 204 42.07 1.07 8.24
N GLN A 205 42.47 1.71 7.12
CA GLN A 205 42.17 3.10 6.80
C GLN A 205 40.68 3.31 6.55
N LYS A 206 40.02 2.37 5.83
CA LYS A 206 38.58 2.42 5.53
C LYS A 206 37.73 2.17 6.77
N ILE A 207 38.23 1.36 7.74
CA ILE A 207 37.52 1.11 9.01
C ILE A 207 37.52 2.40 9.84
N GLU A 208 38.67 3.12 9.86
CA GLU A 208 38.84 4.42 10.52
C GLU A 208 37.99 5.51 9.84
N GLU A 209 37.67 5.33 8.54
CA GLU A 209 36.81 6.23 7.76
C GLU A 209 35.36 6.07 8.26
N ILE A 210 34.89 4.80 8.37
CA ILE A 210 33.55 4.43 8.86
C ILE A 210 33.43 4.90 10.31
N MET A 211 34.43 4.57 11.15
CA MET A 211 34.49 4.93 12.57
C MET A 211 34.38 6.45 12.80
N SER A 212 35.01 7.27 11.93
CA SER A 212 34.96 8.72 12.01
C SER A 212 33.58 9.23 11.62
N HIS A 213 32.92 8.56 10.66
CA HIS A 213 31.57 8.90 10.19
C HIS A 213 30.54 8.76 11.30
N ILE A 214 30.68 7.73 12.14
CA ILE A 214 29.81 7.45 13.29
C ILE A 214 29.99 8.56 14.36
N ILE A 215 31.20 9.14 14.46
CA ILE A 215 31.53 10.20 15.41
C ILE A 215 31.27 11.61 14.83
N LYS A 216 31.52 11.81 13.52
CA LYS A 216 31.34 13.11 12.85
C LYS A 216 29.91 13.38 12.33
N TYR A 217 29.28 12.39 11.69
CA TYR A 217 27.91 12.54 11.17
C TYR A 217 26.87 12.14 12.22
N TYR A 218 26.97 10.93 12.77
CA TYR A 218 26.03 10.43 13.79
C TYR A 218 26.29 10.98 15.19
N LYS A 219 27.43 11.69 15.39
CA LYS A 219 27.88 12.35 16.62
C LYS A 219 28.01 11.44 17.87
N TRP A 220 28.26 10.13 17.67
CA TRP A 220 28.44 9.15 18.74
C TRP A 220 29.76 9.39 19.46
N SER A 221 29.78 9.23 20.79
CA SER A 221 30.98 9.35 21.61
C SER A 221 31.86 8.12 21.37
N GLU A 222 33.17 8.25 21.64
CA GLU A 222 34.15 7.15 21.47
C GLU A 222 33.79 5.95 22.35
N ASP A 223 33.24 6.22 23.55
CA ASP A 223 32.80 5.22 24.54
C ASP A 223 31.61 4.42 24.00
N MET A 224 30.69 5.09 23.25
CA MET A 224 29.50 4.49 22.63
C MET A 224 29.92 3.51 21.51
N VAL A 225 30.99 3.84 20.77
CA VAL A 225 31.59 3.02 19.71
C VAL A 225 32.13 1.72 20.34
N LYS A 226 32.88 1.85 21.46
CA LYS A 226 33.46 0.74 22.22
C LYS A 226 32.41 -0.07 22.98
N SER A 227 31.30 0.56 23.39
CA SER A 227 30.23 -0.11 24.13
C SER A 227 29.38 -1.01 23.24
N THR A 228 29.05 -0.55 22.02
CA THR A 228 28.19 -1.29 21.09
C THR A 228 28.96 -2.22 20.14
N PHE A 229 30.10 -1.78 19.59
CA PHE A 229 30.90 -2.58 18.65
C PHE A 229 32.01 -3.43 19.29
N GLY A 230 32.42 -3.05 20.50
CA GLY A 230 33.48 -3.73 21.23
C GLY A 230 34.83 -3.37 20.65
N GLU A 231 35.86 -4.17 20.94
CA GLU A 231 37.22 -3.94 20.42
C GLU A 231 37.24 -4.16 18.89
N ILE A 232 37.23 -3.04 18.14
CA ILE A 232 37.21 -3.00 16.67
C ILE A 232 38.33 -3.83 16.02
N ASP A 233 37.93 -4.79 15.16
CA ASP A 233 38.85 -5.66 14.42
C ASP A 233 39.24 -4.89 13.15
N TYR A 234 40.52 -4.50 13.02
CA TYR A 234 41.00 -3.73 11.86
C TYR A 234 41.40 -4.63 10.69
N ASN A 235 41.59 -5.95 10.97
CA ASN A 235 41.91 -7.01 10.00
C ASN A 235 40.60 -7.53 9.34
N GLN A 236 39.47 -6.85 9.65
CA GLN A 236 38.13 -7.09 9.13
C GLN A 236 38.08 -6.93 7.60
N PRO A 237 37.26 -7.71 6.87
CA PRO A 237 37.14 -7.49 5.43
C PRO A 237 36.30 -6.26 5.13
N ILE A 238 36.59 -5.61 4.01
CA ILE A 238 35.82 -4.46 3.57
C ILE A 238 34.80 -4.98 2.58
N MET A 239 33.56 -4.61 2.78
CA MET A 239 32.47 -5.01 1.90
C MET A 239 31.80 -3.81 1.28
N TYR A 240 31.17 -4.01 0.12
CA TYR A 240 30.46 -2.97 -0.60
C TYR A 240 29.05 -3.37 -0.90
N CYS A 241 28.14 -2.40 -0.82
CA CYS A 241 26.72 -2.59 -1.06
C CYS A 241 26.31 -2.11 -2.44
N GLU A 242 25.17 -2.60 -2.93
CA GLU A 242 24.63 -2.30 -4.24
C GLU A 242 24.16 -0.86 -4.40
N GLU A 243 23.42 -0.33 -3.40
CA GLU A 243 22.77 0.99 -3.40
C GLU A 243 23.65 2.25 -3.20
N ILE A 244 24.90 2.08 -2.70
CA ILE A 244 25.83 3.19 -2.45
C ILE A 244 27.30 2.81 -2.68
N LEU A 245 28.10 3.77 -3.12
CA LEU A 245 29.52 3.58 -3.45
C LEU A 245 30.50 3.56 -2.26
N GLU A 246 30.00 3.90 -1.06
CA GLU A 246 30.78 3.96 0.18
C GLU A 246 31.20 2.55 0.71
N PRO A 247 32.30 2.44 1.50
CA PRO A 247 32.66 1.13 2.07
C PRO A 247 31.82 0.75 3.29
N PHE A 248 31.75 -0.56 3.59
CA PHE A 248 31.05 -1.16 4.74
C PHE A 248 31.95 -2.20 5.41
N ALA A 249 31.72 -2.44 6.70
CA ALA A 249 32.47 -3.42 7.49
C ALA A 249 31.47 -4.24 8.31
N PRO A 250 31.51 -5.60 8.22
CA PRO A 250 30.50 -6.42 8.90
C PRO A 250 30.32 -6.28 10.41
N GLN A 251 31.32 -5.72 11.12
CA GLN A 251 31.24 -5.48 12.56
C GLN A 251 30.22 -4.37 12.85
N PHE A 252 30.06 -3.45 11.87
CA PHE A 252 29.16 -2.30 11.93
C PHE A 252 27.77 -2.57 11.31
N CYS A 253 27.58 -3.74 10.68
CA CYS A 253 26.31 -4.09 10.04
C CYS A 253 25.54 -5.21 10.72
N ASN A 254 24.22 -5.29 10.45
CA ASN A 254 23.34 -6.31 11.00
C ASN A 254 22.36 -6.81 9.95
N LEU A 255 22.10 -8.13 9.92
CA LEU A 255 21.18 -8.73 8.95
C LEU A 255 19.72 -8.39 9.22
N VAL A 256 19.02 -7.95 8.17
CA VAL A 256 17.58 -7.67 8.21
C VAL A 256 16.83 -8.72 7.41
N PHE A 257 15.50 -8.75 7.59
CA PHE A 257 14.60 -9.72 6.97
C PHE A 257 13.19 -9.15 6.88
N TYR A 258 12.30 -9.86 6.17
CA TYR A 258 10.88 -9.54 6.03
C TYR A 258 10.20 -9.92 7.37
N MET A 259 9.24 -9.10 7.85
CA MET A 259 8.51 -9.37 9.11
C MET A 259 7.80 -10.72 9.09
N ASP A 260 7.14 -11.03 7.95
CA ASP A 260 6.40 -12.29 7.72
C ASP A 260 7.29 -13.53 7.82
N GLU A 261 8.60 -13.38 7.50
CA GLU A 261 9.61 -14.44 7.55
C GLU A 261 9.89 -14.92 8.98
N LEU A 262 9.55 -14.11 10.00
CA LEU A 262 9.76 -14.42 11.42
C LEU A 262 8.89 -15.58 11.89
N ASP A 263 9.42 -16.35 12.86
CA ASP A 263 8.72 -17.45 13.51
C ASP A 263 7.58 -16.83 14.34
N SER A 264 6.33 -17.33 14.12
CA SER A 264 5.09 -16.88 14.79
C SER A 264 5.23 -16.57 16.28
N TYR A 265 6.00 -17.43 17.01
CA TYR A 265 6.33 -17.35 18.44
C TYR A 265 7.03 -16.01 18.77
N ILE A 266 7.96 -15.58 17.89
CA ILE A 266 8.73 -14.34 17.99
C ILE A 266 7.85 -13.13 17.65
N LEU A 267 7.11 -13.19 16.52
CA LEU A 267 6.19 -12.13 16.05
C LEU A 267 5.17 -11.72 17.11
N LYS A 268 4.57 -12.70 17.82
CA LYS A 268 3.59 -12.50 18.89
C LYS A 268 4.22 -11.76 20.08
N GLU A 269 5.48 -12.13 20.41
CA GLU A 269 6.24 -11.53 21.51
C GLU A 269 6.65 -10.07 21.19
N LEU A 270 7.06 -9.78 19.93
CA LEU A 270 7.47 -8.45 19.47
C LEU A 270 6.32 -7.45 19.43
N GLN A 271 5.12 -7.92 19.00
CA GLN A 271 3.88 -7.17 18.85
C GLN A 271 3.71 -6.04 19.87
N SER A 272 3.80 -6.36 21.18
CA SER A 272 3.66 -5.44 22.32
C SER A 272 4.41 -4.11 22.18
N TYR A 273 5.63 -4.16 21.60
CA TYR A 273 6.48 -3.00 21.36
C TYR A 273 5.91 -2.10 20.23
N TRP A 274 5.48 -2.72 19.11
CA TRP A 274 4.90 -2.01 17.96
C TRP A 274 3.51 -1.49 18.25
N ARG A 275 2.56 -2.39 18.56
CA ARG A 275 1.15 -2.10 18.81
C ARG A 275 0.95 -0.98 19.83
N LEU A 276 0.52 0.17 19.32
CA LEU A 276 0.26 1.39 20.07
C LEU A 276 -0.98 2.06 19.49
N SER A 277 -1.81 2.66 20.36
CA SER A 277 -3.00 3.37 19.90
C SER A 277 -2.55 4.73 19.34
N ASN A 278 -3.35 5.33 18.43
CA ASN A 278 -3.03 6.63 17.81
C ASN A 278 -2.70 7.69 18.86
N GLU A 279 -3.43 7.69 19.99
CA GLU A 279 -3.22 8.58 21.13
C GLU A 279 -1.88 8.27 21.81
N ASN A 280 -1.61 6.96 22.12
CA ASN A 280 -0.37 6.48 22.75
C ASN A 280 0.86 6.75 21.88
N LYS A 281 0.70 6.65 20.54
CA LYS A 281 1.77 6.91 19.58
C LYS A 281 2.01 8.40 19.47
N GLY A 282 0.95 9.19 19.66
CA GLY A 282 1.00 10.65 19.63
C GLY A 282 1.86 11.21 20.74
N LYS A 283 1.82 10.53 21.91
CA LYS A 283 2.60 10.85 23.13
C LYS A 283 4.10 10.71 22.88
N ILE A 284 4.51 9.71 22.07
CA ILE A 284 5.91 9.47 21.72
C ILE A 284 6.37 10.52 20.69
N ILE A 285 5.53 10.82 19.67
CA ILE A 285 5.88 11.85 18.67
C ILE A 285 6.05 13.21 19.35
N ASN A 286 5.15 13.56 20.30
CA ASN A 286 5.25 14.81 21.06
C ASN A 286 6.48 14.80 21.98
N GLU A 287 6.89 13.61 22.46
CA GLU A 287 8.08 13.38 23.28
C GLU A 287 9.34 13.68 22.46
N ILE A 288 9.34 13.21 21.18
CA ILE A 288 10.43 13.37 20.19
C ILE A 288 10.50 14.81 19.69
N ALA A 289 9.33 15.43 19.43
CA ALA A 289 9.19 16.81 18.94
C ALA A 289 9.78 17.85 19.90
N LYS A 290 9.63 17.64 21.22
CA LYS A 290 10.14 18.54 22.26
C LYS A 290 11.66 18.63 22.23
N LYS A 291 12.33 17.49 22.00
CA LYS A 291 13.79 17.39 21.92
C LYS A 291 14.37 18.03 20.64
N LEU A 292 13.63 17.98 19.50
CA LEU A 292 14.10 18.56 18.24
C LEU A 292 13.98 20.10 18.24
N ARG A 293 15.14 20.77 18.37
CA ARG A 293 15.30 22.24 18.44
C ARG A 293 14.77 23.05 17.24
N PHE A 294 14.50 22.39 16.10
CA PHE A 294 14.05 23.06 14.87
C PHE A 294 12.55 23.41 14.81
N ILE A 295 11.71 22.70 15.58
CA ILE A 295 10.24 22.82 15.59
C ILE A 295 9.65 23.18 16.96
N ASP A 296 8.36 23.59 16.97
CA ASP A 296 7.57 23.92 18.16
C ASP A 296 6.98 22.60 18.73
N ASN A 297 6.80 22.55 20.07
CA ASN A 297 6.36 21.37 20.82
C ASN A 297 4.89 20.91 20.73
N THR A 298 3.96 21.80 20.31
CA THR A 298 2.52 21.50 20.22
C THR A 298 2.10 20.98 18.81
N PRO A 299 1.40 19.80 18.71
CA PRO A 299 0.94 19.32 17.40
C PRO A 299 -0.23 20.17 16.88
N LYS A 300 -0.42 20.19 15.54
CA LYS A 300 -1.43 20.99 14.86
C LYS A 300 -2.87 20.50 15.02
N GLU A 301 -3.77 21.43 15.41
CA GLU A 301 -5.21 21.22 15.56
C GLU A 301 -5.86 21.34 14.17
N LEU A 302 -6.55 20.30 13.74
CA LEU A 302 -7.16 20.30 12.42
C LEU A 302 -8.63 19.94 12.50
N GLU A 303 -9.48 20.66 11.74
CA GLU A 303 -10.92 20.42 11.70
C GLU A 303 -11.23 19.33 10.65
N PHE A 304 -11.89 18.25 11.11
CA PHE A 304 -12.23 17.10 10.27
C PHE A 304 -13.73 17.04 10.02
N MET A 305 -14.14 16.58 8.83
CA MET A 305 -15.55 16.36 8.50
C MET A 305 -15.87 14.94 8.93
N LYS A 306 -17.13 14.67 9.23
CA LYS A 306 -17.50 13.30 9.56
C LYS A 306 -18.31 12.78 8.36
N PHE A 307 -17.80 11.73 7.71
CA PHE A 307 -18.48 11.15 6.55
C PHE A 307 -19.82 10.60 6.95
N ASN A 308 -20.86 10.82 6.13
CA ASN A 308 -22.18 10.27 6.38
C ASN A 308 -22.13 8.78 6.04
N ASN A 309 -22.57 7.92 6.98
CA ASN A 309 -22.55 6.47 6.77
C ASN A 309 -23.68 6.11 5.80
N THR A 310 -23.40 6.29 4.49
CA THR A 310 -24.32 6.05 3.37
C THR A 310 -24.83 4.60 3.33
N PRO A 311 -26.12 4.38 3.01
CA PRO A 311 -26.63 2.99 2.95
C PRO A 311 -26.19 2.27 1.69
N LEU A 312 -26.44 0.95 1.67
CA LEU A 312 -26.16 0.06 0.55
C LEU A 312 -27.49 -0.39 -0.04
N LEU A 313 -27.48 -0.97 -1.24
CA LEU A 313 -28.73 -1.43 -1.86
C LEU A 313 -28.69 -2.88 -2.25
N VAL A 314 -29.55 -3.68 -1.61
CA VAL A 314 -29.75 -5.10 -1.88
C VAL A 314 -31.14 -5.27 -2.43
N LYS A 315 -31.58 -6.51 -2.66
CA LYS A 315 -32.95 -6.74 -3.12
C LYS A 315 -33.82 -7.38 -2.05
N ASP A 316 -35.11 -7.03 -2.07
CA ASP A 316 -36.19 -7.50 -1.20
C ASP A 316 -36.50 -8.95 -1.53
N VAL A 317 -37.41 -9.58 -0.76
CA VAL A 317 -37.90 -10.94 -1.00
C VAL A 317 -38.60 -10.96 -2.39
N ASN A 318 -39.33 -9.87 -2.71
CA ASN A 318 -40.06 -9.66 -3.97
C ASN A 318 -39.21 -8.98 -5.06
N LYS A 319 -37.86 -9.04 -4.92
CA LYS A 319 -36.87 -8.50 -5.85
C LYS A 319 -36.82 -6.95 -5.98
N ASN A 320 -37.28 -6.22 -4.95
CA ASN A 320 -37.28 -4.75 -4.94
C ASN A 320 -36.04 -4.19 -4.22
N PRO A 321 -35.42 -3.06 -4.66
CA PRO A 321 -34.27 -2.51 -3.91
C PRO A 321 -34.60 -2.16 -2.46
N THR A 322 -33.68 -2.48 -1.52
CA THR A 322 -33.82 -2.22 -0.09
C THR A 322 -32.52 -1.75 0.57
N LYS A 323 -32.62 -0.77 1.49
CA LYS A 323 -31.48 -0.17 2.18
C LYS A 323 -30.97 -0.99 3.36
N ILE A 324 -29.66 -1.26 3.36
CA ILE A 324 -28.95 -1.92 4.44
C ILE A 324 -27.67 -1.13 4.74
N TYR A 325 -27.41 -0.86 6.02
CA TYR A 325 -26.26 -0.06 6.42
C TYR A 325 -24.94 -0.83 6.48
N SER A 326 -25.02 -2.16 6.72
CA SER A 326 -23.84 -3.03 6.79
C SER A 326 -24.14 -4.44 6.28
N THR A 327 -23.10 -5.09 5.72
CA THR A 327 -23.17 -6.44 5.16
C THR A 327 -23.08 -7.58 6.19
N ASN A 328 -23.04 -7.24 7.50
CA ASN A 328 -22.96 -8.23 8.58
C ASN A 328 -24.27 -9.00 8.78
N THR A 329 -25.39 -8.45 8.25
CA THR A 329 -26.74 -9.04 8.31
C THR A 329 -27.16 -9.60 6.95
N LEU A 330 -26.30 -9.46 5.92
CA LEU A 330 -26.54 -9.89 4.54
C LEU A 330 -26.98 -11.35 4.39
N PHE A 331 -26.34 -12.27 5.16
CA PHE A 331 -26.66 -13.70 5.13
C PHE A 331 -27.09 -14.25 6.50
N THR A 332 -27.84 -13.45 7.27
CA THR A 332 -28.37 -13.88 8.56
C THR A 332 -29.84 -14.26 8.36
N TRP A 333 -30.06 -15.41 7.66
CA TRP A 333 -31.36 -15.98 7.30
C TRP A 333 -32.40 -16.11 8.42
N ILE A 334 -32.15 -17.00 9.41
CA ILE A 334 -32.98 -17.35 10.58
C ILE A 334 -33.78 -16.19 11.19
N LYS A 340 -35.44 -8.95 6.43
CA LYS A 340 -34.61 -9.96 7.10
C LYS A 340 -33.90 -10.86 6.10
N ILE A 341 -34.52 -11.09 4.92
CA ILE A 341 -33.96 -11.92 3.84
C ILE A 341 -33.65 -11.00 2.65
N TYR A 342 -32.37 -11.01 2.21
CA TYR A 342 -31.88 -10.16 1.11
C TYR A 342 -31.39 -10.99 -0.05
N LEU A 343 -31.72 -10.54 -1.28
CA LEU A 343 -31.37 -11.22 -2.53
C LEU A 343 -30.34 -10.42 -3.37
N PRO A 344 -29.59 -11.06 -4.32
CA PRO A 344 -28.61 -10.30 -5.11
C PRO A 344 -29.21 -9.25 -6.03
N TYR A 345 -28.48 -8.14 -6.19
CA TYR A 345 -28.90 -7.03 -7.04
C TYR A 345 -28.71 -7.38 -8.52
N ASP A 346 -27.57 -8.02 -8.87
CA ASP A 346 -27.21 -8.41 -10.23
C ASP A 346 -26.45 -9.74 -10.24
N VAL A 347 -26.76 -10.61 -11.25
CA VAL A 347 -26.16 -11.93 -11.47
C VAL A 347 -25.67 -11.97 -12.96
N PRO A 348 -24.36 -12.24 -13.24
CA PRO A 348 -23.90 -12.21 -14.65
C PRO A 348 -24.63 -13.15 -15.60
N GLU A 349 -24.67 -12.75 -16.90
CA GLU A 349 -25.32 -13.47 -17.99
C GLU A 349 -24.96 -14.95 -18.07
N ILE A 350 -23.68 -15.31 -17.81
CA ILE A 350 -23.21 -16.70 -17.88
C ILE A 350 -23.81 -17.55 -16.76
N ILE A 351 -23.41 -17.24 -15.52
CA ILE A 351 -23.74 -17.95 -14.28
C ILE A 351 -25.21 -18.05 -13.86
N ARG A 352 -26.06 -17.11 -14.33
CA ARG A 352 -27.49 -17.03 -14.01
C ARG A 352 -28.27 -18.34 -14.16
N ASN A 353 -28.82 -18.83 -13.02
CA ASN A 353 -29.64 -20.05 -12.89
C ASN A 353 -28.99 -21.33 -13.44
N LYS A 354 -27.72 -21.57 -13.08
CA LYS A 354 -26.93 -22.72 -13.50
C LYS A 354 -26.60 -23.64 -12.33
N ASN A 355 -26.36 -24.93 -12.61
CA ASN A 355 -25.95 -25.91 -11.60
C ASN A 355 -24.45 -26.14 -11.84
N LEU A 356 -23.61 -25.59 -10.94
CA LEU A 356 -22.16 -25.64 -11.07
C LEU A 356 -21.53 -26.94 -10.62
N LEU A 357 -20.64 -27.49 -11.45
CA LEU A 357 -19.88 -28.69 -11.11
C LEU A 357 -18.88 -28.21 -10.08
N THR A 358 -19.03 -28.70 -8.84
CA THR A 358 -18.26 -28.28 -7.69
C THR A 358 -17.56 -29.45 -7.01
N TYR A 359 -16.30 -29.23 -6.59
CA TYR A 359 -15.48 -30.20 -5.89
C TYR A 359 -15.16 -29.70 -4.49
N ILE A 360 -15.05 -30.62 -3.52
CA ILE A 360 -14.69 -30.30 -2.14
C ILE A 360 -13.38 -31.01 -1.83
N LEU A 361 -12.29 -30.25 -1.87
CA LEU A 361 -10.95 -30.75 -1.61
C LEU A 361 -10.63 -30.56 -0.13
N ILE A 362 -10.34 -31.68 0.54
CA ILE A 362 -10.06 -31.77 1.98
C ILE A 362 -8.61 -32.17 2.24
N ASP A 363 -7.98 -31.63 3.30
CA ASP A 363 -6.61 -31.98 3.70
C ASP A 363 -6.62 -33.38 4.32
N GLU A 364 -5.65 -34.23 3.91
CA GLU A 364 -5.49 -35.60 4.40
C GLU A 364 -5.26 -35.69 5.91
N GLU A 365 -4.71 -34.61 6.52
CA GLU A 365 -4.44 -34.51 7.95
C GLU A 365 -5.76 -34.46 8.75
N ILE A 366 -6.74 -33.68 8.23
CA ILE A 366 -8.08 -33.53 8.84
C ILE A 366 -9.14 -34.52 8.32
N LYS A 367 -8.69 -35.57 7.58
CA LYS A 367 -9.54 -36.64 7.04
C LYS A 367 -10.17 -37.52 8.14
N ASP A 368 -9.71 -37.35 9.40
CA ASP A 368 -10.22 -38.06 10.58
C ASP A 368 -11.38 -37.29 11.25
N GLU A 369 -11.88 -36.22 10.58
CA GLU A 369 -12.97 -35.36 11.06
C GLU A 369 -14.02 -35.09 9.98
N LEU A 370 -13.90 -35.76 8.79
CA LEU A 370 -14.78 -35.58 7.63
C LEU A 370 -16.30 -35.60 7.85
N LYS A 371 -16.79 -36.42 8.81
CA LYS A 371 -18.20 -36.54 9.17
C LYS A 371 -18.74 -35.17 9.59
N ALA A 372 -17.96 -34.44 10.41
CA ALA A 372 -18.28 -33.09 10.88
C ALA A 372 -18.07 -32.08 9.74
N ILE A 373 -17.03 -32.28 8.89
CA ILE A 373 -16.76 -31.40 7.75
C ILE A 373 -17.87 -31.46 6.69
N LYS A 374 -18.46 -32.66 6.48
CA LYS A 374 -19.56 -32.89 5.55
C LYS A 374 -20.79 -32.07 6.00
N ASP A 375 -21.11 -32.13 7.32
CA ASP A 375 -22.23 -31.40 7.93
C ASP A 375 -22.08 -29.88 7.86
N LYS A 376 -20.83 -29.38 7.95
CA LYS A 376 -20.53 -27.95 7.88
C LYS A 376 -20.83 -27.37 6.51
N VAL A 377 -20.28 -27.99 5.42
CA VAL A 377 -20.50 -27.53 4.04
C VAL A 377 -21.95 -27.73 3.60
N ASN A 378 -22.53 -28.93 3.89
CA ASN A 378 -23.90 -29.28 3.54
C ASN A 378 -24.91 -28.31 4.14
N LYS A 379 -24.72 -27.91 5.42
CA LYS A 379 -25.59 -26.93 6.08
C LYS A 379 -25.50 -25.58 5.38
N MET A 380 -24.25 -25.11 5.08
CA MET A 380 -23.99 -23.84 4.38
C MET A 380 -24.69 -23.79 3.02
N PHE A 381 -24.46 -24.82 2.17
CA PHE A 381 -25.10 -24.88 0.85
C PHE A 381 -26.61 -25.10 0.95
N ARG A 382 -27.08 -25.89 1.94
CA ARG A 382 -28.51 -26.16 2.22
C ARG A 382 -29.24 -24.85 2.53
N ASN A 383 -28.58 -23.94 3.27
CA ASN A 383 -29.10 -22.62 3.60
C ASN A 383 -28.97 -21.71 2.40
N TYR A 384 -27.84 -21.79 1.66
CA TYR A 384 -27.61 -21.01 0.44
C TYR A 384 -28.73 -21.26 -0.59
N ASN A 385 -29.18 -22.54 -0.68
CA ASN A 385 -30.24 -22.99 -1.57
C ASN A 385 -31.59 -22.33 -1.28
N LYS A 386 -31.82 -21.93 0.01
CA LYS A 386 -33.03 -21.24 0.44
C LYS A 386 -33.13 -19.87 -0.27
N ILE A 387 -31.96 -19.24 -0.53
CA ILE A 387 -31.84 -17.98 -1.26
C ILE A 387 -31.86 -18.33 -2.77
N ALA A 388 -30.96 -19.24 -3.21
CA ALA A 388 -30.74 -19.70 -4.59
C ALA A 388 -31.95 -20.14 -5.41
N ASN A 389 -33.07 -20.54 -4.74
CA ASN A 389 -34.29 -21.01 -5.41
C ASN A 389 -35.21 -19.92 -5.96
N LYS A 390 -35.30 -18.78 -5.26
CA LYS A 390 -36.13 -17.65 -5.67
C LYS A 390 -35.27 -16.40 -5.93
N THR A 391 -34.17 -16.59 -6.68
CA THR A 391 -33.21 -15.50 -6.99
C THR A 391 -32.67 -15.52 -8.41
N GLU A 392 -32.43 -16.74 -8.96
CA GLU A 392 -31.80 -17.01 -10.25
C GLU A 392 -30.27 -16.96 -10.07
N LEU A 393 -29.83 -17.40 -8.87
CA LEU A 393 -28.45 -17.52 -8.40
C LEU A 393 -27.93 -18.87 -8.85
N PRO A 394 -26.60 -19.06 -9.07
CA PRO A 394 -26.12 -20.40 -9.45
C PRO A 394 -26.13 -21.36 -8.27
N LYS A 395 -26.53 -22.62 -8.49
CA LYS A 395 -26.54 -23.64 -7.44
C LYS A 395 -25.19 -24.40 -7.41
N PHE A 396 -25.00 -25.35 -6.46
CA PHE A 396 -23.75 -26.10 -6.34
C PHE A 396 -23.94 -27.61 -6.30
N ASN A 397 -23.25 -28.34 -7.20
CA ASN A 397 -23.35 -29.79 -7.31
C ASN A 397 -22.06 -30.54 -6.86
N TYR A 398 -22.14 -31.25 -5.71
CA TYR A 398 -20.99 -31.94 -5.12
C TYR A 398 -21.34 -33.34 -4.54
N ALA A 399 -22.11 -34.14 -5.32
CA ALA A 399 -22.61 -35.47 -4.95
C ALA A 399 -21.56 -36.46 -4.44
N ASN A 400 -20.60 -36.86 -5.31
CA ASN A 400 -19.51 -37.79 -5.00
C ASN A 400 -18.16 -37.10 -5.29
N ARG A 401 -18.16 -35.75 -5.31
CA ARG A 401 -17.00 -34.92 -5.62
C ARG A 401 -16.15 -34.49 -4.40
N TRP A 402 -16.18 -35.29 -3.32
CA TRP A 402 -15.37 -35.06 -2.12
C TRP A 402 -13.99 -35.66 -2.40
N LYS A 403 -12.92 -34.84 -2.35
CA LYS A 403 -11.55 -35.28 -2.64
C LYS A 403 -10.53 -34.91 -1.55
N TYR A 404 -9.36 -35.59 -1.55
CA TYR A 404 -8.29 -35.35 -0.58
C TYR A 404 -6.99 -34.79 -1.18
N PHE A 405 -6.29 -33.94 -0.41
CA PHE A 405 -5.01 -33.32 -0.79
C PHE A 405 -4.03 -33.18 0.41
N SER A 406 -2.77 -32.83 0.12
CA SER A 406 -1.75 -32.65 1.15
C SER A 406 -1.08 -31.28 1.05
N THR A 407 -0.93 -30.60 2.18
CA THR A 407 -0.35 -29.26 2.20
C THR A 407 1.09 -29.17 1.71
N ASP A 408 1.91 -30.14 2.08
CA ASP A 408 3.28 -30.22 1.56
C ASP A 408 3.32 -31.05 0.26
N ASP A 409 2.18 -31.62 -0.12
CA ASP A 409 2.01 -32.45 -1.32
C ASP A 409 2.25 -31.71 -2.62
N ILE A 410 1.85 -30.44 -2.66
CA ILE A 410 2.01 -29.57 -3.84
C ILE A 410 1.24 -30.00 -5.09
N ARG A 411 1.98 -30.35 -6.15
CA ARG A 411 1.45 -30.70 -7.46
C ARG A 411 0.52 -31.93 -7.55
N GLY A 412 0.53 -32.80 -6.56
CA GLY A 412 -0.30 -33.99 -6.63
C GLY A 412 -1.79 -33.72 -6.78
N ILE A 413 -2.31 -32.72 -6.07
CA ILE A 413 -3.73 -32.41 -6.16
C ILE A 413 -4.20 -31.97 -7.56
N ILE A 414 -3.41 -31.11 -8.19
CA ILE A 414 -3.68 -30.59 -9.54
C ILE A 414 -3.37 -31.61 -10.66
N LYS A 415 -2.47 -32.59 -10.37
CA LYS A 415 -2.09 -33.68 -11.28
C LYS A 415 -3.32 -34.52 -11.62
N GLU A 416 -4.18 -34.78 -10.61
CA GLU A 416 -5.44 -35.50 -10.73
C GLU A 416 -6.52 -34.57 -11.25
N ILE A 417 -6.45 -33.27 -10.89
CA ILE A 417 -7.43 -32.27 -11.33
C ILE A 417 -7.34 -31.96 -12.83
N LYS A 418 -6.10 -31.91 -13.39
CA LYS A 418 -5.85 -31.65 -14.82
C LYS A 418 -6.48 -32.77 -15.68
N SER A 419 -6.43 -34.02 -15.16
CA SER A 419 -6.96 -35.23 -15.78
C SER A 419 -8.51 -35.24 -15.89
N GLU A 420 -9.14 -34.19 -15.38
CA GLU A 420 -10.59 -34.08 -15.43
C GLU A 420 -11.04 -33.46 -16.74
N PHE A 421 -12.35 -33.48 -16.99
CA PHE A 421 -12.91 -32.97 -18.23
C PHE A 421 -13.61 -31.61 -18.13
N ASN A 422 -13.32 -30.85 -17.09
CA ASN A 422 -14.00 -29.58 -16.91
C ASN A 422 -13.81 -28.64 -18.11
N ASP A 423 -14.92 -28.11 -18.60
CA ASP A 423 -14.94 -27.19 -19.72
C ASP A 423 -15.64 -25.92 -19.26
N GLU A 424 -16.80 -26.12 -18.66
CA GLU A 424 -17.62 -25.05 -18.14
C GLU A 424 -17.02 -24.50 -16.86
N ILE A 425 -17.42 -23.29 -16.50
CA ILE A 425 -16.91 -22.68 -15.30
C ILE A 425 -17.30 -23.56 -14.13
N CYS A 426 -16.33 -23.81 -13.26
CA CYS A 426 -16.56 -24.67 -12.11
C CYS A 426 -16.00 -24.08 -10.83
N PHE A 427 -16.48 -24.62 -9.72
CA PHE A 427 -16.08 -24.13 -8.39
C PHE A 427 -15.46 -25.23 -7.53
N ALA A 428 -14.62 -24.81 -6.56
CA ALA A 428 -13.97 -25.69 -5.61
C ALA A 428 -13.80 -25.01 -4.27
N LEU A 429 -14.25 -25.68 -3.21
CA LEU A 429 -14.11 -25.24 -1.83
C LEU A 429 -12.93 -26.05 -1.29
N ILE A 430 -11.90 -25.36 -0.76
CA ILE A 430 -10.71 -26.07 -0.28
C ILE A 430 -10.61 -26.09 1.25
N ILE A 431 -10.76 -27.28 1.87
CA ILE A 431 -10.69 -27.45 3.33
C ILE A 431 -9.32 -28.00 3.75
N GLY A 432 -8.50 -27.14 4.35
CA GLY A 432 -7.16 -27.48 4.79
C GLY A 432 -6.95 -27.57 6.29
N LYS A 433 -5.66 -27.66 6.68
CA LYS A 433 -5.21 -27.74 8.07
C LYS A 433 -3.95 -26.87 8.27
N GLU A 434 -3.97 -25.64 7.67
CA GLU A 434 -2.89 -24.62 7.71
C GLU A 434 -1.58 -25.12 7.09
N TYR A 442 -3.65 -21.77 0.42
CA TYR A 442 -2.43 -21.24 -0.17
C TYR A 442 -2.68 -20.60 -1.54
N GLU A 443 -1.92 -19.52 -1.85
CA GLU A 443 -1.99 -18.77 -3.11
C GLU A 443 -1.54 -19.58 -4.32
N ILE A 444 -0.61 -20.53 -4.09
CA ILE A 444 -0.05 -21.45 -5.09
C ILE A 444 -1.09 -22.43 -5.64
N LEU A 445 -1.92 -23.03 -4.76
CA LEU A 445 -2.95 -23.99 -5.16
C LEU A 445 -4.14 -23.32 -5.89
N LYS A 446 -4.55 -22.13 -5.43
CA LYS A 446 -5.66 -21.39 -6.04
C LYS A 446 -5.33 -20.91 -7.48
N LYS A 447 -4.03 -20.65 -7.76
CA LYS A 447 -3.53 -20.19 -9.07
C LYS A 447 -3.50 -21.34 -10.09
N GLN A 448 -3.05 -22.53 -9.64
CA GLN A 448 -2.97 -23.74 -10.45
C GLN A 448 -4.34 -24.33 -10.74
N LEU A 449 -5.31 -24.15 -9.81
CA LEU A 449 -6.68 -24.65 -9.95
C LEU A 449 -7.47 -23.86 -10.99
N PHE A 450 -7.20 -22.54 -11.10
CA PHE A 450 -7.85 -21.66 -12.05
C PHE A 450 -7.57 -22.01 -13.53
N ASP A 451 -6.41 -22.64 -13.82
CA ASP A 451 -5.99 -23.04 -15.18
C ASP A 451 -6.94 -24.02 -15.91
N LEU A 452 -7.86 -24.60 -15.17
CA LEU A 452 -8.87 -25.48 -15.71
C LEU A 452 -10.25 -24.84 -15.57
N LYS A 453 -10.28 -23.50 -15.58
CA LYS A 453 -11.50 -22.70 -15.41
C LYS A 453 -12.21 -23.02 -14.10
N ILE A 454 -11.44 -23.19 -13.04
CA ILE A 454 -11.99 -23.52 -11.73
C ILE A 454 -11.73 -22.43 -10.70
N ILE A 455 -12.82 -21.80 -10.28
CA ILE A 455 -12.79 -20.72 -9.28
C ILE A 455 -12.75 -21.42 -7.92
N SER A 456 -11.92 -20.92 -7.01
CA SER A 456 -11.79 -21.58 -5.73
C SER A 456 -11.71 -20.64 -4.56
N GLN A 457 -12.27 -21.09 -3.43
CA GLN A 457 -12.21 -20.39 -2.16
C GLN A 457 -11.78 -21.40 -1.11
N ASN A 458 -10.61 -21.19 -0.50
CA ASN A 458 -10.10 -22.10 0.52
C ASN A 458 -10.58 -21.76 1.92
N ILE A 459 -10.53 -22.75 2.82
CA ILE A 459 -10.94 -22.68 4.22
C ILE A 459 -9.99 -23.47 5.10
N LEU A 460 -9.66 -22.91 6.28
CA LEU A 460 -8.86 -23.57 7.32
C LEU A 460 -9.86 -24.06 8.34
N TRP A 461 -10.02 -25.40 8.37
CA TRP A 461 -10.96 -26.12 9.23
C TRP A 461 -10.94 -25.72 10.70
N GLU A 462 -9.72 -25.53 11.27
CA GLU A 462 -9.49 -25.11 12.67
C GLU A 462 -10.33 -23.88 13.06
N ASN A 463 -10.44 -22.91 12.14
CA ASN A 463 -11.21 -21.68 12.31
C ASN A 463 -12.70 -21.88 11.98
N TRP A 464 -13.01 -22.71 10.95
CA TRP A 464 -14.39 -22.99 10.55
C TRP A 464 -15.12 -23.85 11.55
N ARG A 465 -14.40 -24.74 12.25
CA ARG A 465 -14.95 -25.63 13.28
C ARG A 465 -15.41 -24.80 14.49
N LYS A 466 -14.65 -23.74 14.82
CA LYS A 466 -14.92 -22.84 15.95
C LYS A 466 -15.82 -21.64 15.55
N ASP A 467 -16.60 -21.75 14.44
CA ASP A 467 -17.48 -20.68 13.96
C ASP A 467 -18.63 -20.36 14.91
N ASP A 468 -18.56 -19.20 15.56
CA ASP A 468 -19.58 -18.80 16.51
C ASP A 468 -20.68 -18.10 15.75
N LYS A 469 -21.86 -18.71 15.75
CA LYS A 469 -23.05 -18.20 15.07
C LYS A 469 -22.84 -17.93 13.58
N GLY A 470 -22.08 -18.80 12.91
CA GLY A 470 -21.82 -18.65 11.50
C GLY A 470 -21.25 -17.33 11.03
N TYR A 471 -20.26 -16.77 11.73
CA TYR A 471 -19.74 -15.49 11.24
C TYR A 471 -18.91 -15.67 9.97
N MET A 472 -18.08 -16.73 9.94
CA MET A 472 -17.22 -17.11 8.82
C MET A 472 -18.07 -17.58 7.64
N THR A 473 -19.07 -18.46 7.93
CA THR A 473 -20.00 -19.04 6.96
C THR A 473 -20.67 -17.95 6.15
N ASN A 474 -21.05 -16.84 6.80
CA ASN A 474 -21.66 -15.69 6.17
C ASN A 474 -20.61 -14.94 5.31
N ASN A 475 -19.41 -14.69 5.88
CA ASN A 475 -18.27 -14.03 5.19
C ASN A 475 -17.74 -14.82 3.98
N LEU A 476 -17.94 -16.15 4.00
CA LEU A 476 -17.56 -17.07 2.92
C LEU A 476 -18.45 -16.81 1.71
N LEU A 477 -19.80 -16.86 1.91
CA LEU A 477 -20.82 -16.67 0.88
C LEU A 477 -20.60 -15.38 0.10
N ILE A 478 -20.18 -14.28 0.78
CA ILE A 478 -19.88 -13.00 0.13
C ILE A 478 -18.67 -13.15 -0.79
N GLN A 479 -17.59 -13.78 -0.28
CA GLN A 479 -16.36 -13.98 -1.04
C GLN A 479 -16.59 -14.86 -2.26
N ILE A 480 -17.32 -15.98 -2.11
CA ILE A 480 -17.55 -16.86 -3.25
C ILE A 480 -18.42 -16.20 -4.34
N MET A 481 -19.31 -15.30 -3.92
CA MET A 481 -20.18 -14.57 -4.84
C MET A 481 -19.46 -13.48 -5.60
N GLY A 482 -18.58 -12.73 -4.93
CA GLY A 482 -17.75 -11.72 -5.56
C GLY A 482 -16.80 -12.37 -6.55
N LYS A 483 -16.36 -13.62 -6.23
CA LYS A 483 -15.51 -14.43 -7.09
C LYS A 483 -16.28 -14.89 -8.32
N LEU A 484 -17.63 -15.01 -8.20
CA LEU A 484 -18.51 -15.44 -9.30
C LEU A 484 -19.23 -14.27 -9.99
N GLY A 485 -18.59 -13.10 -10.01
CA GLY A 485 -19.08 -11.88 -10.65
C GLY A 485 -20.44 -11.37 -10.23
N ILE A 486 -21.03 -11.94 -9.17
CA ILE A 486 -22.33 -11.55 -8.62
C ILE A 486 -22.19 -10.22 -7.89
N LYS A 487 -23.05 -9.26 -8.21
CA LYS A 487 -23.09 -7.95 -7.57
C LYS A 487 -24.28 -7.96 -6.62
N TYR A 488 -24.05 -8.45 -5.39
CA TYR A 488 -25.08 -8.61 -4.35
C TYR A 488 -25.68 -7.29 -3.88
N PHE A 489 -24.82 -6.34 -3.51
CA PHE A 489 -25.20 -5.04 -3.01
C PHE A 489 -24.52 -3.95 -3.81
N ILE A 490 -25.19 -2.80 -3.96
CA ILE A 490 -24.67 -1.62 -4.66
C ILE A 490 -24.78 -0.39 -3.74
N LEU A 491 -24.43 0.81 -4.23
CA LEU A 491 -24.54 2.02 -3.41
C LEU A 491 -25.91 2.67 -3.52
N ASP A 492 -26.40 3.23 -2.41
CA ASP A 492 -27.69 3.92 -2.34
C ASP A 492 -27.59 5.36 -2.86
N SER A 493 -26.55 5.65 -3.65
CA SER A 493 -26.28 6.99 -4.18
C SER A 493 -25.58 6.96 -5.52
N LYS A 494 -26.09 7.72 -6.51
CA LYS A 494 -25.49 7.83 -7.84
C LYS A 494 -24.46 8.97 -7.87
N THR A 495 -23.20 8.60 -8.16
CA THR A 495 -22.07 9.52 -8.25
C THR A 495 -22.20 10.36 -9.53
N PRO A 496 -21.63 11.58 -9.60
CA PRO A 496 -21.74 12.36 -10.85
C PRO A 496 -20.92 11.77 -12.03
N TYR A 497 -20.04 10.80 -11.72
CA TYR A 497 -19.15 10.13 -12.67
C TYR A 497 -19.81 8.92 -13.31
N ASP A 498 -19.74 8.84 -14.66
CA ASP A 498 -20.24 7.72 -15.44
C ASP A 498 -19.37 6.47 -15.21
N TYR A 499 -18.08 6.69 -14.88
CA TYR A 499 -17.08 5.66 -14.59
C TYR A 499 -16.12 6.10 -13.50
N ILE A 500 -15.83 5.19 -12.55
CA ILE A 500 -14.82 5.39 -11.53
C ILE A 500 -13.81 4.29 -11.80
N MET A 501 -12.64 4.67 -12.34
CA MET A 501 -11.60 3.72 -12.71
C MET A 501 -10.44 3.69 -11.75
N GLY A 502 -10.11 2.48 -11.29
CA GLY A 502 -8.97 2.25 -10.42
C GLY A 502 -7.83 1.84 -11.31
N LEU A 503 -6.68 2.54 -11.25
CA LEU A 503 -5.54 2.24 -12.11
C LEU A 503 -4.26 1.94 -11.34
N ASP A 504 -3.59 0.86 -11.75
CA ASP A 504 -2.32 0.39 -11.21
C ASP A 504 -1.42 -0.02 -12.37
N THR A 505 -0.14 0.39 -12.34
CA THR A 505 0.84 0.09 -13.40
C THR A 505 2.08 -0.61 -12.85
N GLY A 506 2.30 -1.85 -13.28
CA GLY A 506 3.44 -2.67 -12.86
C GLY A 506 4.19 -3.29 -14.01
N ASN A 512 5.25 -10.23 -17.77
CA ASN A 512 5.32 -11.67 -17.99
C ASN A 512 4.33 -12.16 -19.06
N HIS A 513 3.37 -11.31 -19.43
CA HIS A 513 2.31 -11.56 -20.41
C HIS A 513 2.22 -10.39 -21.42
N ARG A 514 3.24 -9.50 -21.44
CA ARG A 514 3.34 -8.27 -22.25
C ARG A 514 2.37 -7.20 -21.72
N VAL A 515 1.96 -7.37 -20.44
CA VAL A 515 1.05 -6.54 -19.65
C VAL A 515 1.91 -5.66 -18.74
N GLY A 516 1.50 -4.41 -18.55
CA GLY A 516 2.21 -3.45 -17.71
C GLY A 516 1.34 -2.77 -16.67
N GLY A 517 0.10 -3.21 -16.55
CA GLY A 517 -0.88 -2.67 -15.62
C GLY A 517 -2.31 -3.00 -15.98
N CYS A 518 -3.28 -2.47 -15.21
CA CYS A 518 -4.72 -2.68 -15.43
C CYS A 518 -5.60 -1.59 -14.83
N THR A 519 -6.86 -1.53 -15.28
CA THR A 519 -7.89 -0.63 -14.74
C THR A 519 -9.10 -1.45 -14.32
N VAL A 520 -9.74 -1.05 -13.22
CA VAL A 520 -10.95 -1.70 -12.73
C VAL A 520 -12.03 -0.64 -12.84
N VAL A 521 -12.99 -0.87 -13.73
CA VAL A 521 -14.06 0.08 -14.01
C VAL A 521 -15.38 -0.18 -13.27
N TYR A 522 -15.81 0.81 -12.48
CA TYR A 522 -17.06 0.81 -11.71
C TYR A 522 -18.04 1.77 -12.35
N ASP A 523 -19.36 1.54 -12.19
CA ASP A 523 -20.37 2.41 -12.76
C ASP A 523 -20.77 3.55 -11.78
N SER A 524 -21.87 4.27 -12.08
CA SER A 524 -22.38 5.38 -11.28
C SER A 524 -22.90 4.96 -9.88
N GLU A 525 -23.26 3.67 -9.71
CA GLU A 525 -23.77 3.17 -8.43
C GLU A 525 -22.78 2.27 -7.66
N GLY A 526 -21.49 2.40 -7.99
CA GLY A 526 -20.40 1.66 -7.36
C GLY A 526 -20.40 0.17 -7.66
N LYS A 527 -20.96 -0.23 -8.82
CA LYS A 527 -21.05 -1.62 -9.25
C LYS A 527 -19.93 -1.93 -10.24
N ILE A 528 -19.14 -3.02 -9.98
CA ILE A 528 -18.03 -3.44 -10.85
C ILE A 528 -18.57 -3.73 -12.24
N ARG A 529 -17.85 -3.27 -13.28
CA ARG A 529 -18.25 -3.51 -14.65
C ARG A 529 -17.21 -4.36 -15.34
N ARG A 530 -15.93 -3.93 -15.30
CA ARG A 530 -14.84 -4.62 -15.96
C ARG A 530 -13.53 -4.55 -15.19
N ILE A 531 -12.72 -5.62 -15.32
CA ILE A 531 -11.34 -5.71 -14.85
C ILE A 531 -10.60 -5.82 -16.18
N GLN A 532 -9.90 -4.75 -16.59
CA GLN A 532 -9.27 -4.68 -17.90
C GLN A 532 -7.75 -4.54 -17.84
N PRO A 533 -6.99 -5.59 -18.22
CA PRO A 533 -5.53 -5.46 -18.24
C PRO A 533 -5.07 -4.56 -19.38
N ILE A 534 -3.93 -3.87 -19.19
CA ILE A 534 -3.38 -2.99 -20.22
C ILE A 534 -2.04 -3.53 -20.73
N GLU A 535 -1.94 -3.72 -22.06
CA GLU A 535 -0.73 -4.21 -22.72
C GLU A 535 0.17 -3.03 -23.11
N THR A 536 1.44 -3.07 -22.67
CA THR A 536 2.46 -2.05 -22.96
C THR A 536 2.87 -2.02 -24.45
N PRO A 537 3.14 -0.81 -25.04
CA PRO A 537 3.55 -0.76 -26.45
C PRO A 537 5.06 -0.94 -26.64
N GLU A 541 8.88 -0.67 -22.62
CA GLU A 541 8.01 0.51 -22.69
C GLU A 541 7.25 0.74 -21.37
N ARG A 542 7.23 2.01 -20.90
CA ARG A 542 6.55 2.42 -19.67
C ARG A 542 5.09 2.79 -19.91
N LEU A 543 4.19 2.36 -18.99
CA LEU A 543 2.75 2.60 -19.06
C LEU A 543 2.31 3.90 -18.34
N HIS A 544 1.71 4.83 -19.12
CA HIS A 544 1.23 6.14 -18.64
C HIS A 544 -0.28 6.33 -18.85
N LEU A 545 -0.88 7.37 -18.21
CA LEU A 545 -2.31 7.66 -18.33
C LEU A 545 -2.85 7.96 -19.74
N PRO A 546 -2.22 8.84 -20.58
CA PRO A 546 -2.78 9.08 -21.93
C PRO A 546 -2.91 7.80 -22.78
N TYR A 547 -1.90 6.91 -22.71
CA TYR A 547 -1.93 5.62 -23.43
C TYR A 547 -3.06 4.71 -22.92
N VAL A 548 -3.28 4.69 -21.58
CA VAL A 548 -4.32 3.89 -20.91
C VAL A 548 -5.71 4.32 -21.36
N ILE A 549 -5.97 5.65 -21.40
CA ILE A 549 -7.23 6.24 -21.85
C ILE A 549 -7.51 5.82 -23.31
N GLU A 550 -6.49 5.92 -24.18
CA GLU A 550 -6.56 5.56 -25.59
C GLU A 550 -6.77 4.07 -25.82
N TYR A 551 -6.03 3.20 -25.09
CA TYR A 551 -6.14 1.73 -25.17
C TYR A 551 -7.58 1.32 -24.82
N LEU A 552 -8.15 1.94 -23.78
CA LEU A 552 -9.51 1.73 -23.29
C LEU A 552 -10.57 2.03 -24.35
N GLU A 553 -10.34 3.10 -25.16
CA GLU A 553 -11.22 3.52 -26.25
C GLU A 553 -11.04 2.64 -27.52
N ASN A 554 -9.78 2.52 -27.98
CA ASN A 554 -9.38 1.83 -29.20
C ASN A 554 -9.35 0.30 -29.13
N LYS A 555 -8.69 -0.28 -28.11
CA LYS A 555 -8.50 -1.74 -28.00
C LYS A 555 -9.36 -2.46 -26.96
N ALA A 556 -9.98 -1.74 -26.01
CA ALA A 556 -10.77 -2.37 -24.95
C ALA A 556 -12.30 -2.28 -25.10
N ASN A 557 -12.77 -1.60 -26.15
CA ASN A 557 -14.19 -1.43 -26.51
C ASN A 557 -15.12 -0.85 -25.42
N ILE A 558 -14.62 0.14 -24.67
CA ILE A 558 -15.44 0.83 -23.67
C ILE A 558 -15.62 2.29 -24.08
N ASP A 559 -16.88 2.74 -24.18
CA ASP A 559 -17.19 4.12 -24.60
C ASP A 559 -16.72 5.17 -23.60
N MET A 560 -15.73 5.98 -24.01
CA MET A 560 -15.13 7.03 -23.20
C MET A 560 -15.31 8.42 -23.78
N GLU A 561 -16.31 8.55 -24.67
CA GLU A 561 -16.66 9.80 -25.34
C GLU A 561 -17.89 10.40 -24.66
N ASN A 562 -17.87 11.73 -24.43
CA ASN A 562 -18.94 12.52 -23.81
C ASN A 562 -19.36 11.94 -22.44
N LYS A 563 -18.37 11.59 -21.61
CA LYS A 563 -18.61 11.00 -20.29
C LYS A 563 -17.80 11.66 -19.19
N ASN A 564 -18.17 11.37 -17.93
CA ASN A 564 -17.51 11.89 -16.74
C ASN A 564 -16.72 10.74 -16.14
N ILE A 565 -15.41 10.75 -16.33
CA ILE A 565 -14.51 9.70 -15.87
C ILE A 565 -13.61 10.18 -14.74
N LEU A 566 -13.52 9.39 -13.66
CA LEU A 566 -12.63 9.62 -12.52
C LEU A 566 -11.66 8.46 -12.44
N PHE A 567 -10.36 8.78 -12.47
CA PHE A 567 -9.28 7.83 -12.36
C PHE A 567 -8.65 7.93 -10.97
N LEU A 568 -8.51 6.79 -10.28
CA LEU A 568 -7.88 6.71 -8.97
C LEU A 568 -6.58 5.97 -9.15
N ARG A 569 -5.44 6.62 -8.86
CA ARG A 569 -4.12 6.00 -9.01
C ARG A 569 -3.20 6.26 -7.83
N ASP A 570 -2.20 5.39 -7.62
CA ASP A 570 -1.23 5.55 -6.53
C ASP A 570 -0.12 6.55 -6.90
N GLY A 571 0.16 6.66 -8.21
CA GLY A 571 1.22 7.51 -8.74
C GLY A 571 0.85 8.93 -9.16
N PHE A 572 1.85 9.64 -9.71
CA PHE A 572 1.74 11.02 -10.17
C PHE A 572 2.03 11.20 -11.66
N ILE A 573 1.30 12.13 -12.27
CA ILE A 573 1.31 12.51 -13.69
C ILE A 573 2.52 13.42 -13.96
N GLN A 574 3.29 13.11 -15.03
CA GLN A 574 4.45 13.91 -15.44
C GLN A 574 3.98 15.20 -16.11
N ASN A 575 4.76 16.31 -15.98
CA ASN A 575 4.42 17.61 -16.58
C ASN A 575 4.24 17.52 -18.11
N SER A 576 4.96 16.57 -18.73
CA SER A 576 4.93 16.27 -20.17
C SER A 576 3.60 15.63 -20.62
N GLU A 577 2.92 14.90 -19.70
CA GLU A 577 1.64 14.23 -19.96
C GLU A 577 0.49 15.23 -20.03
N ARG A 578 0.63 16.40 -19.37
CA ARG A 578 -0.39 17.46 -19.28
C ARG A 578 -0.96 17.94 -20.61
N ASN A 579 -0.09 18.33 -21.57
CA ASN A 579 -0.51 18.80 -22.89
C ASN A 579 -1.20 17.69 -23.71
N ASP A 580 -0.82 16.41 -23.45
CA ASP A 580 -1.36 15.22 -24.10
C ASP A 580 -2.74 14.85 -23.56
N LEU A 581 -2.96 15.06 -22.25
CA LEU A 581 -4.22 14.79 -21.57
C LEU A 581 -5.30 15.80 -21.97
N LYS A 582 -4.88 17.06 -22.23
CA LYS A 582 -5.76 18.13 -22.70
C LYS A 582 -6.26 17.78 -24.11
N GLU A 583 -5.37 17.21 -24.95
CA GLU A 583 -5.68 16.79 -26.31
C GLU A 583 -6.74 15.70 -26.34
N ILE A 584 -6.51 14.57 -25.64
CA ILE A 584 -7.43 13.44 -25.57
C ILE A 584 -8.82 13.79 -25.01
N SER A 585 -8.89 14.64 -23.97
CA SER A 585 -10.15 15.09 -23.37
C SER A 585 -10.97 15.98 -24.33
N LYS A 586 -10.29 16.74 -25.22
CA LYS A 586 -10.93 17.60 -26.22
C LYS A 586 -11.53 16.75 -27.34
N GLU A 587 -10.76 15.74 -27.80
CA GLU A 587 -11.11 14.78 -28.85
C GLU A 587 -12.30 13.89 -28.45
N LEU A 588 -12.26 13.28 -27.24
CA LEU A 588 -13.34 12.44 -26.73
C LEU A 588 -14.58 13.26 -26.34
N ASN A 589 -14.36 14.52 -25.90
CA ASN A 589 -15.36 15.48 -25.41
C ASN A 589 -15.86 15.03 -24.01
N SER A 590 -14.92 14.45 -23.24
CA SER A 590 -15.15 13.91 -21.90
C SER A 590 -14.53 14.75 -20.79
N ASN A 591 -15.12 14.66 -19.58
CA ASN A 591 -14.58 15.30 -18.39
C ASN A 591 -13.74 14.25 -17.68
N ILE A 592 -12.43 14.24 -17.93
CA ILE A 592 -11.52 13.26 -17.33
C ILE A 592 -10.81 13.82 -16.12
N GLU A 593 -11.02 13.18 -14.96
CA GLU A 593 -10.38 13.58 -13.72
C GLU A 593 -9.44 12.49 -13.23
N VAL A 594 -8.45 12.88 -12.41
CA VAL A 594 -7.45 11.99 -11.81
C VAL A 594 -7.06 12.50 -10.41
N ILE A 595 -7.00 11.60 -9.42
CA ILE A 595 -6.62 11.90 -8.04
C ILE A 595 -5.64 10.83 -7.52
N SER A 596 -4.56 11.26 -6.86
CA SER A 596 -3.56 10.35 -6.31
C SER A 596 -3.98 9.88 -4.91
N ILE A 597 -4.12 8.54 -4.75
CA ILE A 597 -4.53 7.90 -3.49
C ILE A 597 -3.33 7.11 -2.96
N ARG A 598 -2.64 7.65 -1.95
CA ARG A 598 -1.43 7.03 -1.41
C ARG A 598 -1.59 6.42 -0.02
N LYS A 599 -1.62 5.08 0.04
CA LYS A 599 -1.77 4.32 1.29
C LYS A 599 -0.59 4.59 2.20
N ASN A 600 0.64 4.46 1.67
CA ASN A 600 1.86 4.73 2.44
C ASN A 600 2.24 6.22 2.46
N ASN A 601 2.00 6.87 3.59
CA ASN A 601 2.33 8.27 3.83
C ASN A 601 2.87 8.45 5.26
N LYS A 602 3.17 9.70 5.65
CA LYS A 602 3.76 10.02 6.95
C LYS A 602 2.78 10.60 7.96
N TYR A 603 1.53 10.87 7.56
CA TYR A 603 0.50 11.40 8.45
C TYR A 603 0.02 10.40 9.52
N LYS A 604 -0.50 10.93 10.62
CA LYS A 604 -1.07 10.20 11.76
C LYS A 604 -1.98 11.17 12.51
N VAL A 605 -3.21 10.73 12.85
CA VAL A 605 -4.22 11.52 13.57
C VAL A 605 -4.29 11.00 15.01
N PHE A 606 -4.16 11.89 15.99
CA PHE A 606 -4.13 11.49 17.40
C PHE A 606 -5.51 11.17 18.02
N THR A 607 -6.29 10.35 17.30
CA THR A 607 -7.64 9.93 17.69
C THR A 607 -7.90 8.45 17.46
N SER A 608 -8.83 7.88 18.26
CA SER A 608 -9.32 6.51 18.18
C SER A 608 -10.51 6.50 17.21
N ASP A 609 -10.95 7.71 16.82
CA ASP A 609 -12.08 7.95 15.93
C ASP A 609 -11.77 7.50 14.49
N TYR A 610 -12.83 7.31 13.73
CA TYR A 610 -12.83 6.85 12.34
C TYR A 610 -13.99 7.55 11.61
N ARG A 611 -14.10 7.32 10.28
CA ARG A 611 -15.14 7.87 9.39
C ARG A 611 -14.99 9.37 9.27
N ILE A 612 -13.74 9.86 9.41
CA ILE A 612 -13.37 11.29 9.39
C ILE A 612 -12.39 11.64 8.27
N GLY A 613 -12.44 12.90 7.80
CA GLY A 613 -11.56 13.41 6.76
C GLY A 613 -11.27 14.91 6.86
N SER A 614 -10.05 15.33 6.46
CA SER A 614 -9.62 16.73 6.46
C SER A 614 -8.53 17.00 5.43
N VAL A 615 -8.20 18.30 5.23
CA VAL A 615 -7.16 18.78 4.33
C VAL A 615 -6.12 19.63 5.07
N PHE A 616 -4.84 19.43 4.76
CA PHE A 616 -3.70 20.18 5.30
C PHE A 616 -2.61 20.20 4.24
N GLY A 617 -2.26 21.40 3.78
CA GLY A 617 -1.27 21.63 2.74
C GLY A 617 -1.68 20.97 1.42
N ASN A 618 -2.96 21.19 1.03
CA ASN A 618 -3.58 20.61 -0.18
C ASN A 618 -3.64 19.06 -0.20
N ASP A 619 -3.44 18.41 0.96
CA ASP A 619 -3.46 16.95 1.09
C ASP A 619 -4.68 16.49 1.85
N GLY A 620 -5.32 15.47 1.33
CA GLY A 620 -6.47 14.86 1.99
C GLY A 620 -5.98 13.86 3.01
N ILE A 621 -6.39 14.04 4.29
CA ILE A 621 -6.06 13.13 5.38
C ILE A 621 -7.33 12.30 5.55
N PHE A 622 -7.35 11.13 4.89
CA PHE A 622 -8.50 10.24 4.82
C PHE A 622 -8.39 9.09 5.82
N LEU A 623 -9.30 9.04 6.81
CA LEU A 623 -9.34 8.01 7.84
C LEU A 623 -10.74 7.37 7.89
N PRO A 624 -11.06 6.44 6.95
CA PRO A 624 -12.43 5.88 6.92
C PRO A 624 -12.78 4.81 7.95
N HIS A 625 -11.84 3.90 8.23
CA HIS A 625 -11.92 2.67 9.03
C HIS A 625 -11.47 2.76 10.49
N LYS A 626 -11.94 1.79 11.31
CA LYS A 626 -11.58 1.61 12.72
C LYS A 626 -10.67 0.38 12.84
N THR A 627 -9.65 0.44 13.71
CA THR A 627 -8.70 -0.67 13.90
C THR A 627 -8.57 -0.99 15.41
N PRO A 628 -8.60 -2.28 15.82
CA PRO A 628 -8.42 -2.59 17.25
C PRO A 628 -6.98 -2.38 17.75
N PHE A 629 -6.04 -2.06 16.83
CA PHE A 629 -4.63 -1.84 17.15
C PHE A 629 -4.02 -0.56 16.53
N GLY A 630 -4.85 0.48 16.36
CA GLY A 630 -4.42 1.78 15.86
C GLY A 630 -4.21 1.92 14.36
N SER A 631 -5.10 2.68 13.71
CA SER A 631 -5.14 2.98 12.26
C SER A 631 -4.07 3.96 11.72
N ASN A 632 -4.01 4.10 10.37
CA ASN A 632 -3.12 5.02 9.64
C ASN A 632 -3.89 5.72 8.51
N PRO A 633 -3.83 7.07 8.37
CA PRO A 633 -4.61 7.73 7.30
C PRO A 633 -4.08 7.51 5.88
N VAL A 634 -4.91 7.81 4.88
CA VAL A 634 -4.62 7.74 3.44
C VAL A 634 -4.39 9.18 2.92
N LYS A 635 -3.30 9.41 2.17
CA LYS A 635 -3.01 10.74 1.63
C LYS A 635 -3.73 10.90 0.29
N LEU A 636 -4.36 12.06 0.08
CA LEU A 636 -5.09 12.36 -1.15
C LEU A 636 -4.54 13.64 -1.75
N SER A 637 -3.97 13.57 -2.96
CA SER A 637 -3.38 14.74 -3.60
C SER A 637 -3.51 14.74 -5.13
N THR A 638 -3.02 15.83 -5.75
CA THR A 638 -2.98 16.11 -7.19
C THR A 638 -4.29 15.80 -7.93
N TRP A 639 -5.40 16.40 -7.46
CA TRP A 639 -6.72 16.25 -8.07
C TRP A 639 -6.82 17.20 -9.27
N LEU A 640 -6.67 16.63 -10.48
CA LEU A 640 -6.68 17.34 -11.75
C LEU A 640 -7.97 17.06 -12.51
N ARG A 641 -8.35 18.00 -13.39
CA ARG A 641 -9.54 17.89 -14.24
C ARG A 641 -9.17 18.30 -15.66
N PHE A 642 -9.66 17.55 -16.66
CA PHE A 642 -9.45 17.82 -18.08
C PHE A 642 -10.82 17.72 -18.75
N ASN A 643 -11.48 18.89 -18.87
CA ASN A 643 -12.82 19.00 -19.42
C ASN A 643 -12.79 19.55 -20.84
N CYS A 644 -12.90 18.64 -21.83
CA CYS A 644 -12.91 18.94 -23.27
C CYS A 644 -11.81 19.95 -23.67
N GLY A 645 -10.58 19.64 -23.26
CA GLY A 645 -9.41 20.46 -23.52
C GLY A 645 -9.20 21.59 -22.54
N ASN A 646 -9.44 21.34 -21.23
CA ASN A 646 -9.26 22.33 -20.18
C ASN A 646 -8.66 21.78 -18.89
N GLU A 647 -7.33 21.97 -18.72
CA GLU A 647 -6.61 21.55 -17.51
C GLU A 647 -6.99 22.51 -16.39
N GLU A 648 -7.42 21.94 -15.26
CA GLU A 648 -7.83 22.67 -14.07
C GLU A 648 -7.42 21.87 -12.83
N GLY A 649 -6.87 22.56 -11.85
CA GLY A 649 -6.47 21.98 -10.57
C GLY A 649 -7.59 22.11 -9.57
N LEU A 650 -7.98 20.99 -8.97
CA LEU A 650 -9.09 20.97 -7.99
C LEU A 650 -8.59 20.73 -6.57
N LYS A 651 -9.14 21.47 -5.62
CA LYS A 651 -8.79 21.31 -4.20
C LYS A 651 -9.64 20.19 -3.61
N ILE A 652 -9.06 19.37 -2.71
CA ILE A 652 -9.73 18.25 -2.05
C ILE A 652 -10.98 18.67 -1.25
N ASN A 653 -12.15 18.33 -1.83
CA ASN A 653 -13.51 18.60 -1.36
C ASN A 653 -13.90 17.74 -0.18
N GLU A 654 -15.16 17.91 0.25
CA GLU A 654 -15.90 17.12 1.23
C GLU A 654 -16.65 16.11 0.36
N SER A 655 -16.95 16.51 -0.90
CA SER A 655 -17.64 15.75 -1.95
C SER A 655 -16.91 14.47 -2.32
N ILE A 656 -15.65 14.58 -2.82
CA ILE A 656 -14.85 13.40 -3.19
C ILE A 656 -14.54 12.52 -2.01
N MET A 657 -14.22 13.14 -0.85
CA MET A 657 -13.92 12.42 0.38
C MET A 657 -15.09 11.55 0.80
N GLN A 658 -16.32 12.04 0.61
CA GLN A 658 -17.52 11.25 0.85
C GLN A 658 -17.55 10.08 -0.15
N LEU A 659 -17.47 10.41 -1.47
CA LEU A 659 -17.45 9.47 -2.59
C LEU A 659 -16.42 8.36 -2.39
N LEU A 660 -15.17 8.73 -2.04
CA LEU A 660 -14.09 7.79 -1.81
C LEU A 660 -14.36 6.91 -0.60
N TYR A 661 -15.08 7.44 0.41
CA TYR A 661 -15.48 6.68 1.60
C TYR A 661 -16.53 5.61 1.21
N ASP A 662 -17.59 6.03 0.49
CA ASP A 662 -18.67 5.17 -0.01
C ASP A 662 -18.09 3.96 -0.76
N LEU A 663 -16.97 4.18 -1.49
CA LEU A 663 -16.27 3.16 -2.26
C LEU A 663 -15.50 2.17 -1.38
N THR A 664 -15.09 2.57 -0.16
CA THR A 664 -14.37 1.65 0.74
C THR A 664 -15.33 0.59 1.30
N LYS A 665 -16.65 0.86 1.22
CA LYS A 665 -17.74 0.01 1.67
C LYS A 665 -18.11 -1.08 0.66
N MET A 666 -17.60 -0.95 -0.60
CA MET A 666 -17.87 -1.89 -1.71
C MET A 666 -16.97 -3.13 -1.65
N ASN A 667 -16.84 -3.67 -0.43
CA ASN A 667 -16.02 -4.81 -0.06
C ASN A 667 -16.79 -6.13 -0.26
N TYR A 668 -16.38 -6.91 -1.27
CA TYR A 668 -16.98 -8.22 -1.60
C TYR A 668 -16.20 -9.36 -0.97
N SER A 669 -14.93 -9.11 -0.61
CA SER A 669 -14.08 -10.07 0.08
C SER A 669 -14.29 -9.93 1.62
N ALA A 670 -15.36 -10.60 2.13
CA ALA A 670 -15.87 -10.63 3.51
C ALA A 670 -16.33 -9.25 4.00
N TYR A 677 -14.56 -1.90 7.15
CA TYR A 677 -14.43 -2.06 5.70
C TYR A 677 -12.99 -1.76 5.21
N LEU A 678 -12.80 -1.63 3.87
CA LEU A 678 -11.52 -1.33 3.23
C LEU A 678 -10.90 0.03 3.64
N ARG A 679 -9.56 0.11 3.60
CA ARG A 679 -8.82 1.33 3.94
C ARG A 679 -8.84 2.25 2.72
N ILE A 680 -8.59 1.67 1.54
CA ILE A 680 -8.59 2.39 0.27
C ILE A 680 -9.83 2.03 -0.58
N PRO A 681 -10.35 2.98 -1.40
CA PRO A 681 -11.50 2.67 -2.26
C PRO A 681 -11.39 1.38 -3.05
N ALA A 682 -12.53 0.67 -3.18
CA ALA A 682 -12.64 -0.59 -3.91
C ALA A 682 -12.04 -0.60 -5.32
N PRO A 683 -12.24 0.42 -6.20
CA PRO A 683 -11.64 0.35 -7.54
C PRO A 683 -10.13 0.13 -7.54
N ILE A 684 -9.40 1.00 -6.81
CA ILE A 684 -7.94 0.92 -6.73
C ILE A 684 -7.45 -0.31 -5.98
N HIS A 685 -8.19 -0.73 -4.92
CA HIS A 685 -7.85 -1.90 -4.12
C HIS A 685 -7.84 -3.17 -4.98
N TYR A 686 -8.91 -3.39 -5.76
CA TYR A 686 -9.01 -4.56 -6.62
C TYR A 686 -8.05 -4.53 -7.80
N ALA A 687 -7.58 -3.32 -8.20
CA ALA A 687 -6.58 -3.16 -9.26
C ALA A 687 -5.23 -3.63 -8.74
N ASP A 688 -4.86 -3.20 -7.49
CA ASP A 688 -3.64 -3.63 -6.79
C ASP A 688 -3.59 -5.15 -6.74
N LYS A 689 -4.71 -5.78 -6.27
CA LYS A 689 -4.89 -7.23 -6.15
C LYS A 689 -4.68 -7.97 -7.47
N PHE A 690 -5.14 -7.39 -8.61
CA PHE A 690 -4.98 -7.99 -9.94
C PHE A 690 -3.51 -7.95 -10.39
N VAL A 691 -2.81 -6.81 -10.18
CA VAL A 691 -1.41 -6.62 -10.57
C VAL A 691 -0.50 -7.59 -9.79
N LYS A 692 -0.79 -7.81 -8.49
CA LYS A 692 -0.06 -8.73 -7.63
C LYS A 692 -0.28 -10.17 -8.08
N ALA A 693 -1.49 -10.47 -8.60
CA ALA A 693 -1.86 -11.78 -9.15
C ALA A 693 -1.05 -12.08 -10.41
N LEU A 694 -0.84 -11.08 -11.28
CA LEU A 694 -0.07 -11.21 -12.51
C LEU A 694 1.36 -11.63 -12.22
N GLY A 695 1.94 -11.05 -11.17
CA GLY A 695 3.29 -11.37 -10.70
C GLY A 695 3.38 -12.78 -10.17
N LYS A 696 2.24 -13.33 -9.68
CA LYS A 696 2.09 -14.68 -9.15
C LYS A 696 1.64 -15.68 -10.25
N ASN A 697 1.84 -15.28 -11.53
CA ASN A 697 1.54 -16.05 -12.75
C ASN A 697 0.13 -16.64 -12.81
N TRP A 698 -0.87 -15.75 -12.80
CA TRP A 698 -2.30 -16.10 -12.86
C TRP A 698 -2.80 -15.95 -14.29
N LYS A 699 -3.71 -16.86 -14.71
CA LYS A 699 -4.33 -16.85 -16.04
C LYS A 699 -5.20 -15.59 -16.23
N ILE A 700 -5.12 -14.97 -17.41
CA ILE A 700 -5.92 -13.81 -17.76
C ILE A 700 -7.13 -14.32 -18.56
N ASP A 701 -8.22 -14.67 -17.85
CA ASP A 701 -9.46 -15.16 -18.45
C ASP A 701 -10.29 -13.93 -18.77
N GLU A 702 -10.19 -13.43 -20.02
CA GLU A 702 -10.89 -12.22 -20.45
C GLU A 702 -12.41 -12.28 -20.26
N GLU A 703 -13.08 -13.38 -20.70
CA GLU A 703 -14.52 -13.60 -20.58
C GLU A 703 -15.05 -13.26 -19.17
N LEU A 704 -14.40 -13.82 -18.13
CA LEU A 704 -14.77 -13.61 -16.74
C LEU A 704 -14.36 -12.24 -16.24
N LEU A 705 -13.20 -11.71 -16.70
CA LEU A 705 -12.73 -10.36 -16.32
C LEU A 705 -13.68 -9.28 -16.86
N LYS A 706 -14.29 -9.53 -18.05
CA LYS A 706 -15.24 -8.68 -18.75
C LYS A 706 -16.55 -8.52 -17.97
N HIS A 707 -16.92 -9.54 -17.17
CA HIS A 707 -18.13 -9.58 -16.34
C HIS A 707 -17.85 -9.30 -14.84
N GLY A 708 -16.63 -8.88 -14.53
CA GLY A 708 -16.21 -8.52 -13.18
C GLY A 708 -16.08 -9.64 -12.15
N PHE A 709 -15.58 -10.81 -12.56
CA PHE A 709 -15.36 -11.94 -11.66
C PHE A 709 -14.04 -11.70 -10.95
N LEU A 710 -14.07 -11.59 -9.61
CA LEU A 710 -12.86 -11.35 -8.80
C LEU A 710 -12.23 -12.69 -8.39
N TYR A 711 -11.81 -13.50 -9.37
CA TYR A 711 -11.23 -14.83 -9.11
C TYR A 711 -9.83 -14.77 -8.49
N PHE A 712 -9.07 -13.70 -8.80
CA PHE A 712 -7.71 -13.49 -8.36
C PHE A 712 -7.58 -13.21 -6.88
N ILE A 713 -8.64 -12.70 -6.23
CA ILE A 713 -8.64 -12.37 -4.80
C ILE A 713 -8.44 -13.62 -3.91
MG MG C . -10.10 -15.44 -0.60
S SO4 D . 0.63 4.08 -10.71
O1 SO4 D . 0.32 4.73 -11.98
O2 SO4 D . 0.81 2.65 -10.91
O3 SO4 D . -0.49 4.28 -9.78
O4 SO4 D . 1.86 4.63 -10.15
S SO4 E . -4.41 24.19 3.57
O1 SO4 E . -4.40 23.02 2.70
O2 SO4 E . -3.26 25.05 3.25
O3 SO4 E . -4.32 23.79 4.99
O4 SO4 E . -5.66 24.93 3.37
S SO4 F . -10.06 10.33 21.11
O1 SO4 F . -10.90 10.11 19.94
O2 SO4 F . -9.59 11.72 21.14
O3 SO4 F . -8.89 9.43 21.07
O4 SO4 F . -10.84 10.04 22.31
S SO4 G . 22.36 25.63 13.85
O1 SO4 G . 22.60 26.27 12.55
O2 SO4 G . 21.21 26.26 14.50
O3 SO4 G . 23.54 25.80 14.70
O4 SO4 G . 22.12 24.20 13.65
S SO4 H . 5.00 25.64 21.57
O1 SO4 H . 6.39 25.22 21.41
O2 SO4 H . 4.95 27.10 21.58
O3 SO4 H . 4.49 25.09 22.84
O4 SO4 H . 4.18 25.15 20.47
S SO4 I . 21.88 -1.10 20.45
O1 SO4 I . 22.44 0.25 20.47
O2 SO4 I . 22.84 -1.98 19.80
O3 SO4 I . 21.66 -1.55 21.83
O4 SO4 I . 20.60 -1.12 19.71
S SO4 J . -22.82 -8.16 -16.83
O1 SO4 J . -22.12 -7.90 -18.10
O2 SO4 J . -23.71 -9.32 -16.99
O3 SO4 J . -21.83 -8.42 -15.77
O4 SO4 J . -23.63 -7.01 -16.48
#